data_4WO8
#
_entry.id   4WO8
#
_cell.length_a   52.840
_cell.length_b   122.020
_cell.length_c   62.970
_cell.angle_alpha   90.00
_cell.angle_beta   108.10
_cell.angle_gamma   90.00
#
_symmetry.space_group_name_H-M   'P 1 21 1'
#
loop_
_entity.id
_entity.type
_entity.pdbx_description
1 polymer 'Taurocyamine kinase'
2 water water
#
_entity_poly.entity_id   1
_entity_poly.type   'polypeptide(L)'
_entity_poly.pdbx_seq_one_letter_code
;MQVESLQNLQVKIRNDERNHSLTKKYLTDDIVKKYQATKTSLGGTLAQCVNTNAYNPGALLPRSCDLNAYETFRDFFDAV
IADYHKVPDGKIQHPKSNFGDLKSLSFTDLNTYGNLVVSTRVRLGRTVEGFGFGPTLTKETRIELENKISTALHNLSGEY
EGTYYPLTGMSEEDRIKLVNDHFLFRNDDNVLRDAGGYIDWPTGRGIFINKQKNFLVWINEEDHIRVISMQKGGGLTAVY
KRLADAIQELSKSLKFAFNDRLGFITFCPSNLGTTLRASVHAKIPMLASLPNFKEICEKHGIQPRGTHGEHTESVGGIYD
LSNKRRLGLTELDAVTEMHSGVRALLELEVMLQEYNKGAPEGVMPVEPLTYLAKLLEGASIEKCYTRKYLTPEIIKKYDG
KRTTHGATLAHMIRNGAYNNRSICPRTGEAECYSTFIDYLDPLICDYHGVKDSAFKHPAPTFGDLSKLPFGDLDPTGKFI
VSTRVRVGRSVEGFLFPTIMSKTDRIKLEQVISGALKGLTGEHAGTYYPLTDMKEEDRKQLVEDHFLFKNDDPVLRDAGG
YRDWPVGRGIFHNNSKTFLVWVCEEDHMRIISMQQGGNLAAVYKRLIEGINAIGKSMKFAHSDKYGYITCCPSNLGTSMR
ASVLLKIPKLSSQPKKLDEICAKYMLQARGLYGEHTESPDGTYDISNKRRLGLTELQAAHEMAEGVAKMIEIEKGL
;
_entity_poly.pdbx_strand_id   A
#
# COMPACT_ATOMS: atom_id res chain seq x y z
N MET A 1 39.58 -2.38 5.36
CA MET A 1 38.73 -1.21 5.08
C MET A 1 38.63 -0.37 6.33
N GLN A 2 39.12 0.87 6.25
CA GLN A 2 39.14 1.79 7.38
C GLN A 2 37.83 2.57 7.46
N VAL A 3 37.11 2.45 8.56
CA VAL A 3 35.90 3.26 8.69
C VAL A 3 35.91 4.00 10.02
N GLU A 4 34.99 4.96 10.20
CA GLU A 4 34.80 5.66 11.49
C GLU A 4 34.41 4.69 12.60
N SER A 5 34.52 5.14 13.86
CA SER A 5 34.08 4.31 14.97
C SER A 5 32.59 3.95 14.84
N LEU A 6 32.23 2.78 15.34
CA LEU A 6 30.85 2.35 15.40
C LEU A 6 29.99 3.44 16.03
N GLN A 7 30.50 4.01 17.12
CA GLN A 7 29.78 5.08 17.84
C GLN A 7 29.51 6.30 16.95
N ASN A 8 30.47 6.68 16.10
CA ASN A 8 30.24 7.80 15.18
C ASN A 8 29.18 7.47 14.14
N LEU A 9 29.24 6.25 13.62
CA LEU A 9 28.29 5.82 12.59
C LEU A 9 26.88 5.83 13.18
N GLN A 10 26.74 5.34 14.42
CA GLN A 10 25.43 5.31 15.05
C GLN A 10 24.85 6.72 15.14
N VAL A 11 25.67 7.67 15.57
CA VAL A 11 25.23 9.06 15.71
C VAL A 11 24.83 9.61 14.35
N LYS A 12 25.66 9.36 13.34
CA LYS A 12 25.33 9.73 11.96
C LYS A 12 24.01 9.12 11.51
N ILE A 13 23.83 7.83 11.77
CA ILE A 13 22.63 7.17 11.27
C ILE A 13 21.39 7.71 11.99
N ARG A 14 21.52 7.92 13.29
CA ARG A 14 20.38 8.38 14.09
C ARG A 14 20.00 9.84 13.84
N ASN A 15 21.00 10.71 13.72
CA ASN A 15 20.73 12.11 13.49
C ASN A 15 20.27 12.37 12.06
N ASP A 16 20.26 11.33 11.23
CA ASP A 16 19.84 11.53 9.85
C ASP A 16 18.35 11.23 9.68
N GLU A 17 17.55 12.28 9.55
CA GLU A 17 16.11 12.09 9.53
C GLU A 17 15.62 11.49 8.19
N ARG A 18 16.45 11.51 7.14
CA ARG A 18 16.12 10.74 5.95
C ARG A 18 16.34 9.22 6.14
N ASN A 19 17.01 8.83 7.22
CA ASN A 19 17.34 7.42 7.41
C ASN A 19 16.23 6.68 8.17
N HIS A 20 15.67 5.66 7.54
CA HIS A 20 14.64 4.86 8.19
C HIS A 20 15.03 3.39 8.11
N SER A 21 16.33 3.10 8.19
CA SER A 21 16.81 1.75 7.98
C SER A 21 16.52 0.84 9.17
N LEU A 22 16.58 -0.47 8.93
CA LEU A 22 16.54 -1.44 10.01
C LEU A 22 17.82 -1.34 10.83
N THR A 23 18.89 -0.88 10.20
CA THR A 23 20.13 -0.65 10.92
C THR A 23 19.87 0.39 11.99
N LYS A 24 19.22 1.48 11.60
CA LYS A 24 18.91 2.55 12.53
C LYS A 24 18.07 2.01 13.67
N LYS A 25 17.12 1.14 13.33
CA LYS A 25 16.18 0.61 14.29
C LYS A 25 16.85 -0.24 15.34
N TYR A 26 17.85 -1.01 14.94
CA TYR A 26 18.40 -1.99 15.85
C TYR A 26 19.80 -1.68 16.35
N LEU A 27 20.42 -0.62 15.82
CA LEU A 27 21.76 -0.23 16.29
C LEU A 27 21.61 0.67 17.51
N THR A 28 21.32 0.04 18.64
CA THR A 28 21.05 0.78 19.88
C THR A 28 22.35 1.04 20.64
N ASP A 29 22.28 1.93 21.64
CA ASP A 29 23.39 2.14 22.56
C ASP A 29 23.93 0.82 23.11
N ASP A 30 23.04 -0.11 23.44
CA ASP A 30 23.47 -1.38 24.02
C ASP A 30 24.26 -2.23 23.03
N ILE A 31 23.83 -2.22 21.77
CA ILE A 31 24.53 -2.96 20.72
C ILE A 31 25.93 -2.36 20.53
N VAL A 32 26.00 -1.04 20.42
CA VAL A 32 27.30 -0.37 20.24
C VAL A 32 28.21 -0.69 21.41
N LYS A 33 27.71 -0.49 22.63
CA LYS A 33 28.53 -0.78 23.81
C LYS A 33 29.03 -2.22 23.79
N LYS A 34 28.15 -3.15 23.44
CA LYS A 34 28.53 -4.55 23.41
C LYS A 34 29.61 -4.87 22.36
N TYR A 35 29.45 -4.36 21.15
CA TYR A 35 30.29 -4.80 20.03
C TYR A 35 31.42 -3.87 19.56
N GLN A 36 31.62 -2.75 20.24
CA GLN A 36 32.57 -1.75 19.72
C GLN A 36 34.04 -2.17 19.69
N ALA A 37 34.43 -3.18 20.46
CA ALA A 37 35.81 -3.69 20.39
C ALA A 37 35.88 -5.09 19.75
N THR A 38 34.74 -5.62 19.31
CA THR A 38 34.67 -7.01 18.88
C THR A 38 35.10 -7.19 17.42
N LYS A 39 35.88 -8.23 17.17
CA LYS A 39 36.29 -8.58 15.81
C LYS A 39 35.78 -9.96 15.46
N THR A 40 35.43 -10.18 14.20
CA THR A 40 35.13 -11.53 13.73
C THR A 40 36.45 -12.29 13.61
N SER A 41 36.36 -13.59 13.37
CA SER A 41 37.56 -14.41 13.24
C SER A 41 38.38 -13.98 12.02
N LEU A 42 37.76 -13.21 11.13
CA LEU A 42 38.48 -12.71 9.96
C LEU A 42 38.87 -11.25 10.12
N GLY A 43 38.65 -10.70 11.31
CA GLY A 43 39.07 -9.33 11.58
C GLY A 43 38.00 -8.24 11.38
N GLY A 44 36.80 -8.64 10.98
CA GLY A 44 35.75 -7.67 10.68
C GLY A 44 35.13 -7.00 11.91
N THR A 45 34.59 -5.79 11.72
CA THR A 45 33.92 -5.08 12.80
C THR A 45 32.48 -4.78 12.45
N LEU A 46 31.68 -4.44 13.46
CA LEU A 46 30.31 -4.05 13.19
C LEU A 46 30.27 -2.70 12.44
N ALA A 47 31.23 -1.81 12.73
CA ALA A 47 31.32 -0.53 12.00
C ALA A 47 31.43 -0.80 10.49
N GLN A 48 32.25 -1.76 10.10
CA GLN A 48 32.36 -2.11 8.68
C GLN A 48 31.04 -2.58 8.10
N CYS A 49 30.23 -3.24 8.92
CA CYS A 49 28.93 -3.77 8.48
C CYS A 49 27.90 -2.64 8.26
N VAL A 50 27.89 -1.64 9.13
CA VAL A 50 26.85 -0.61 9.07
C VAL A 50 27.32 0.71 8.44
N ASN A 51 28.57 0.78 8.03
CA ASN A 51 29.12 1.97 7.40
C ASN A 51 28.25 2.51 6.27
N THR A 52 27.82 1.63 5.37
CA THR A 52 27.08 2.08 4.20
C THR A 52 25.76 2.77 4.57
N ASN A 53 25.18 2.39 5.72
CA ASN A 53 23.94 3.01 6.19
C ASN A 53 24.15 4.44 6.69
N ALA A 54 25.35 4.74 7.17
CA ALA A 54 25.67 6.11 7.55
C ALA A 54 25.60 7.05 6.35
N TYR A 55 26.08 6.59 5.20
CA TYR A 55 26.23 7.49 4.05
C TYR A 55 25.14 7.33 3.00
N ASN A 56 24.33 6.28 3.13
CA ASN A 56 23.20 6.08 2.22
C ASN A 56 21.93 5.79 2.99
N PRO A 57 21.20 6.86 3.34
CA PRO A 57 20.01 6.75 4.21
C PRO A 57 18.85 5.99 3.56
N GLY A 58 18.85 5.87 2.23
CA GLY A 58 17.79 5.14 1.54
C GLY A 58 17.96 3.64 1.69
N ALA A 59 19.15 3.18 2.09
CA ALA A 59 19.39 1.76 2.24
C ALA A 59 18.72 1.21 3.50
N LEU A 60 18.02 0.09 3.35
CA LEU A 60 17.25 -0.53 4.44
C LEU A 60 18.09 -1.38 5.39
N LEU A 61 19.14 -2.01 4.85
CA LEU A 61 19.87 -3.05 5.58
C LEU A 61 21.35 -2.76 5.71
N PRO A 62 21.97 -3.32 6.76
CA PRO A 62 23.43 -3.36 6.81
C PRO A 62 23.98 -4.30 5.78
N ARG A 63 25.30 -4.39 5.73
CA ARG A 63 25.95 -5.47 5.01
C ARG A 63 26.73 -6.24 6.05
N SER A 64 27.66 -7.08 5.62
CA SER A 64 28.43 -7.84 6.59
C SER A 64 29.88 -7.86 6.17
N CYS A 65 30.76 -7.74 7.16
CA CYS A 65 32.20 -7.65 6.90
C CYS A 65 32.74 -8.96 6.40
N ASP A 66 32.16 -10.05 6.92
CA ASP A 66 32.47 -11.39 6.44
C ASP A 66 31.36 -12.34 6.90
N LEU A 67 31.41 -13.60 6.45
CA LEU A 67 30.35 -14.54 6.77
C LEU A 67 30.17 -14.76 8.28
N ASN A 68 31.21 -14.51 9.07
CA ASN A 68 31.13 -14.73 10.51
C ASN A 68 30.44 -13.60 11.25
N ALA A 69 30.14 -12.52 10.52
CA ALA A 69 29.51 -11.34 11.13
C ALA A 69 28.16 -11.66 11.73
N TYR A 70 27.43 -12.55 11.07
CA TYR A 70 26.08 -12.87 11.51
C TYR A 70 26.10 -13.54 12.89
N GLU A 71 27.14 -14.31 13.16
CA GLU A 71 27.29 -15.01 14.42
C GLU A 71 27.94 -14.10 15.46
N THR A 72 28.94 -13.33 15.03
CA THR A 72 29.70 -12.52 15.96
C THR A 72 28.88 -11.36 16.48
N PHE A 73 28.05 -10.78 15.61
CA PHE A 73 27.24 -9.64 15.98
C PHE A 73 25.77 -10.02 15.98
N ARG A 74 25.49 -11.15 16.63
CA ARG A 74 24.20 -11.80 16.51
C ARG A 74 23.02 -11.02 17.08
N ASP A 75 23.24 -10.31 18.18
CA ASP A 75 22.17 -9.48 18.74
C ASP A 75 21.71 -8.43 17.73
N PHE A 76 22.62 -7.98 16.89
CA PHE A 76 22.23 -7.02 15.88
C PHE A 76 21.58 -7.73 14.68
N PHE A 77 22.27 -8.70 14.10
CA PHE A 77 21.79 -9.28 12.85
C PHE A 77 20.49 -10.12 12.99
N ASP A 78 20.30 -10.85 14.10
CA ASP A 78 19.06 -11.64 14.25
C ASP A 78 17.82 -10.74 14.28
N ALA A 79 17.92 -9.63 14.99
CA ALA A 79 16.85 -8.64 15.02
C ALA A 79 16.57 -8.06 13.63
N VAL A 80 17.63 -7.73 12.90
CA VAL A 80 17.48 -7.19 11.56
C VAL A 80 16.85 -8.26 10.62
N ILE A 81 17.37 -9.48 10.70
CA ILE A 81 16.93 -10.59 9.87
C ILE A 81 15.49 -11.00 10.16
N ALA A 82 15.17 -11.17 11.44
CA ALA A 82 13.81 -11.54 11.86
C ALA A 82 12.81 -10.51 11.36
N ASP A 83 13.21 -9.26 11.47
CA ASP A 83 12.37 -8.16 11.04
C ASP A 83 12.15 -8.18 9.52
N TYR A 84 13.25 -8.18 8.76
CA TYR A 84 13.16 -8.07 7.31
C TYR A 84 12.49 -9.28 6.68
N HIS A 85 12.77 -10.45 7.22
CA HIS A 85 12.23 -11.68 6.65
C HIS A 85 10.91 -12.10 7.28
N LYS A 86 10.35 -11.23 8.11
CA LYS A 86 9.07 -11.48 8.78
C LYS A 86 9.05 -12.85 9.49
N VAL A 87 10.01 -13.08 10.37
CA VAL A 87 10.08 -14.32 11.12
C VAL A 87 9.18 -14.23 12.35
N PRO A 88 8.17 -15.12 12.45
CA PRO A 88 7.06 -15.10 13.41
C PRO A 88 7.41 -14.71 14.86
N ASP A 89 8.22 -15.51 15.55
CA ASP A 89 8.59 -15.20 16.94
C ASP A 89 10.12 -15.06 17.03
N GLY A 90 10.73 -14.49 16.00
CA GLY A 90 12.18 -14.41 15.97
C GLY A 90 12.82 -15.79 15.97
N LYS A 91 12.06 -16.80 15.54
CA LYS A 91 12.56 -18.17 15.48
C LYS A 91 13.20 -18.45 14.13
N ILE A 92 14.39 -17.90 13.95
CA ILE A 92 15.02 -17.91 12.65
C ILE A 92 15.55 -19.29 12.38
N GLN A 93 15.15 -19.87 11.27
CA GLN A 93 15.60 -21.20 10.92
C GLN A 93 15.48 -21.37 9.42
N HIS A 94 16.08 -22.42 8.89
CA HIS A 94 16.08 -22.60 7.46
C HIS A 94 16.32 -24.06 7.23
N PRO A 95 15.54 -24.68 6.33
CA PRO A 95 15.62 -26.10 6.03
C PRO A 95 16.78 -26.45 5.12
N LYS A 96 17.07 -27.74 4.96
CA LYS A 96 18.15 -28.17 4.06
C LYS A 96 17.86 -27.79 2.61
N SER A 97 18.94 -27.50 1.88
CA SER A 97 18.86 -27.16 0.48
C SER A 97 18.13 -28.28 -0.30
N ASN A 98 17.15 -27.90 -1.11
CA ASN A 98 16.41 -28.88 -1.91
C ASN A 98 15.74 -28.22 -3.11
N PHE A 99 16.30 -28.45 -4.28
CA PHE A 99 15.75 -27.92 -5.52
C PHE A 99 14.61 -28.79 -6.02
N GLY A 100 14.47 -29.97 -5.42
CA GLY A 100 13.43 -30.89 -5.85
C GLY A 100 13.93 -31.94 -6.83
N ASP A 101 13.03 -32.84 -7.20
CA ASP A 101 13.32 -33.94 -8.11
C ASP A 101 13.31 -33.40 -9.53
N LEU A 102 14.49 -33.04 -10.02
CA LEU A 102 14.60 -32.30 -11.27
C LEU A 102 14.12 -33.09 -12.48
N LYS A 103 14.16 -34.42 -12.39
CA LYS A 103 13.81 -35.23 -13.54
C LYS A 103 12.30 -35.23 -13.80
N SER A 104 11.51 -35.08 -12.75
CA SER A 104 10.07 -35.12 -12.92
C SER A 104 9.43 -33.77 -12.64
N LEU A 105 10.24 -32.75 -12.36
CA LEU A 105 9.69 -31.45 -11.99
C LEU A 105 9.21 -30.72 -13.23
N SER A 106 8.03 -30.12 -13.14
CA SER A 106 7.47 -29.42 -14.28
C SER A 106 6.58 -28.25 -13.82
N PHE A 107 6.85 -27.06 -14.35
CA PHE A 107 5.95 -25.92 -14.18
C PHE A 107 5.37 -25.57 -15.53
N THR A 108 4.14 -25.09 -15.57
CA THR A 108 3.55 -24.64 -16.84
C THR A 108 4.34 -23.44 -17.33
N ASP A 109 4.41 -23.26 -18.66
CA ASP A 109 5.05 -22.08 -19.24
C ASP A 109 4.22 -20.83 -18.89
N LEU A 110 4.87 -19.80 -18.36
CA LEU A 110 4.12 -18.68 -17.82
C LEU A 110 3.44 -17.81 -18.91
N ASN A 111 3.80 -18.04 -20.17
CA ASN A 111 3.18 -17.28 -21.24
C ASN A 111 1.84 -17.86 -21.65
N THR A 112 1.47 -18.98 -21.02
CA THR A 112 0.16 -19.56 -21.21
C THR A 112 -0.92 -18.57 -20.81
N TYR A 113 -0.57 -17.66 -19.91
CA TYR A 113 -1.57 -16.77 -19.32
C TYR A 113 -1.48 -15.38 -19.94
N GLY A 114 -1.91 -15.30 -21.19
CA GLY A 114 -2.04 -14.02 -21.85
C GLY A 114 -0.85 -13.63 -22.68
N ASN A 115 0.18 -14.47 -22.70
CA ASN A 115 1.41 -14.19 -23.44
C ASN A 115 2.01 -12.83 -23.04
N LEU A 116 2.23 -12.66 -21.74
CA LEU A 116 2.60 -11.37 -21.17
C LEU A 116 4.05 -11.32 -20.69
N VAL A 117 4.69 -12.49 -20.67
CA VAL A 117 6.03 -12.60 -20.08
C VAL A 117 7.12 -12.40 -21.11
N VAL A 118 7.89 -11.33 -20.95
CA VAL A 118 9.00 -11.04 -21.84
C VAL A 118 10.19 -11.99 -21.61
N SER A 119 10.50 -12.25 -20.35
CA SER A 119 11.65 -13.09 -20.02
C SER A 119 11.49 -13.64 -18.61
N THR A 120 12.30 -14.66 -18.32
CA THR A 120 12.28 -15.39 -17.07
C THR A 120 13.72 -15.55 -16.63
N ARG A 121 13.94 -15.47 -15.33
CA ARG A 121 15.27 -15.37 -14.77
C ARG A 121 15.26 -16.06 -13.40
N VAL A 122 16.23 -16.91 -13.10
CA VAL A 122 16.44 -17.32 -11.72
C VAL A 122 17.89 -17.09 -11.28
N ARG A 123 18.05 -16.53 -10.09
CA ARG A 123 19.35 -16.15 -9.58
C ARG A 123 19.59 -16.75 -8.20
N LEU A 124 20.82 -17.22 -8.02
CA LEU A 124 21.33 -17.71 -6.75
C LEU A 124 22.61 -16.97 -6.39
N GLY A 125 23.04 -17.09 -5.13
CA GLY A 125 24.31 -16.58 -4.69
C GLY A 125 24.91 -17.54 -3.66
N ARG A 126 26.24 -17.60 -3.60
CA ARG A 126 26.91 -18.44 -2.62
C ARG A 126 28.13 -17.73 -2.05
N THR A 127 28.39 -17.99 -0.77
CA THR A 127 29.64 -17.59 -0.14
C THR A 127 30.54 -18.81 -0.09
N VAL A 128 31.79 -18.67 -0.52
CA VAL A 128 32.78 -19.74 -0.42
C VAL A 128 33.45 -19.67 0.97
N GLU A 129 33.48 -20.78 1.68
CA GLU A 129 34.16 -20.86 2.98
C GLU A 129 35.62 -20.46 2.90
N GLY A 130 36.09 -19.73 3.92
CA GLY A 130 37.49 -19.42 4.07
C GLY A 130 37.89 -18.06 3.56
N PHE A 131 36.90 -17.28 3.13
CA PHE A 131 37.17 -15.97 2.54
C PHE A 131 36.26 -14.91 3.12
N GLY A 132 36.80 -13.71 3.30
CA GLY A 132 35.98 -12.60 3.76
C GLY A 132 35.13 -12.03 2.64
N PHE A 133 34.49 -10.92 2.98
CA PHE A 133 33.79 -10.07 2.03
C PHE A 133 34.64 -8.81 1.82
N GLY A 134 34.20 -7.93 0.93
CA GLY A 134 34.86 -6.66 0.67
C GLY A 134 35.67 -6.00 1.79
N PRO A 135 35.09 -5.84 2.99
CA PRO A 135 35.86 -5.18 4.05
C PRO A 135 37.01 -6.01 4.64
N THR A 136 37.00 -7.33 4.51
CA THR A 136 38.04 -8.15 5.13
C THR A 136 38.90 -8.92 4.14
N LEU A 137 38.55 -8.91 2.86
CA LEU A 137 39.39 -9.53 1.85
C LEU A 137 40.66 -8.72 1.69
N THR A 138 41.75 -9.35 1.27
CA THR A 138 42.91 -8.60 0.82
C THR A 138 42.85 -8.63 -0.70
N LYS A 139 43.69 -7.82 -1.35
CA LYS A 139 43.81 -7.88 -2.78
C LYS A 139 44.08 -9.32 -3.25
N GLU A 140 45.02 -9.98 -2.58
CA GLU A 140 45.46 -11.32 -2.99
C GLU A 140 44.45 -12.44 -2.69
N THR A 141 43.80 -12.39 -1.53
CA THR A 141 42.83 -13.45 -1.25
C THR A 141 41.60 -13.34 -2.16
N ARG A 142 41.19 -12.12 -2.50
CA ARG A 142 40.10 -11.96 -3.46
C ARG A 142 40.49 -12.57 -4.80
N ILE A 143 41.75 -12.39 -5.21
CA ILE A 143 42.23 -13.01 -6.45
C ILE A 143 42.32 -14.53 -6.32
N GLU A 144 42.82 -15.02 -5.19
CA GLU A 144 42.78 -16.46 -4.94
C GLU A 144 41.34 -17.00 -5.01
N LEU A 145 40.41 -16.26 -4.43
CA LEU A 145 39.00 -16.63 -4.48
C LEU A 145 38.51 -16.67 -5.94
N GLU A 146 38.78 -15.60 -6.68
CA GLU A 146 38.46 -15.55 -8.11
C GLU A 146 39.01 -16.75 -8.88
N ASN A 147 40.28 -17.07 -8.63
CA ASN A 147 40.93 -18.18 -9.32
C ASN A 147 40.24 -19.50 -8.99
N LYS A 148 39.88 -19.65 -7.72
CA LYS A 148 39.20 -20.85 -7.25
C LYS A 148 37.87 -21.02 -7.98
N ILE A 149 37.15 -19.92 -8.14
CA ILE A 149 35.81 -20.00 -8.73
C ILE A 149 35.84 -20.17 -10.25
N SER A 150 36.70 -19.43 -10.95
CA SER A 150 36.80 -19.60 -12.40
C SER A 150 37.28 -21.01 -12.74
N THR A 151 38.13 -21.57 -11.90
CA THR A 151 38.59 -22.93 -12.11
C THR A 151 37.41 -23.88 -12.00
N ALA A 152 36.59 -23.69 -10.96
CA ALA A 152 35.38 -24.49 -10.83
C ALA A 152 34.48 -24.36 -12.07
N LEU A 153 34.27 -23.12 -12.51
CA LEU A 153 33.41 -22.87 -13.67
C LEU A 153 33.95 -23.52 -14.95
N HIS A 154 35.27 -23.45 -15.15
CA HIS A 154 35.89 -23.99 -16.36
C HIS A 154 35.66 -25.49 -16.47
N ASN A 155 35.53 -26.15 -15.33
CA ASN A 155 35.32 -27.58 -15.26
C ASN A 155 33.86 -28.02 -15.37
N LEU A 156 32.96 -27.06 -15.56
CA LEU A 156 31.54 -27.36 -15.67
C LEU A 156 31.18 -28.15 -16.92
N SER A 157 30.10 -28.92 -16.80
CA SER A 157 29.54 -29.76 -17.84
C SER A 157 29.24 -29.03 -19.17
N GLY A 158 28.85 -29.80 -20.19
CA GLY A 158 28.74 -29.34 -21.57
C GLY A 158 27.85 -28.14 -21.86
N GLU A 159 26.61 -28.16 -21.37
CA GLU A 159 25.69 -27.04 -21.57
C GLU A 159 26.24 -25.74 -21.01
N TYR A 160 27.17 -25.86 -20.06
CA TYR A 160 27.72 -24.71 -19.35
C TYR A 160 29.04 -24.23 -19.92
N GLU A 161 29.49 -24.85 -21.01
CA GLU A 161 30.76 -24.43 -21.56
C GLU A 161 30.65 -23.02 -22.12
N GLY A 162 31.70 -22.24 -21.92
CA GLY A 162 31.67 -20.86 -22.31
C GLY A 162 32.99 -20.21 -22.01
N THR A 163 32.94 -18.91 -21.80
CA THR A 163 34.15 -18.09 -21.69
C THR A 163 34.19 -17.33 -20.38
N TYR A 164 35.33 -17.38 -19.68
CA TYR A 164 35.54 -16.55 -18.52
C TYR A 164 36.17 -15.21 -18.88
N TYR A 165 35.54 -14.12 -18.45
CA TYR A 165 36.01 -12.76 -18.72
C TYR A 165 36.44 -12.01 -17.47
N PRO A 166 37.76 -11.98 -17.18
CA PRO A 166 38.15 -11.23 -15.99
C PRO A 166 37.98 -9.73 -16.24
N LEU A 167 37.70 -8.97 -15.19
CA LEU A 167 37.51 -7.54 -15.36
C LEU A 167 38.84 -6.88 -15.62
N THR A 168 39.87 -7.37 -14.93
CA THR A 168 41.23 -6.88 -15.11
C THR A 168 41.77 -7.30 -16.48
N GLY A 169 42.20 -6.34 -17.27
CA GLY A 169 42.71 -6.63 -18.60
C GLY A 169 41.64 -6.69 -19.68
N MET A 170 40.44 -6.21 -19.37
CA MET A 170 39.34 -6.22 -20.35
C MET A 170 39.35 -4.96 -21.23
N SER A 171 39.22 -5.12 -22.54
CA SER A 171 39.19 -3.93 -23.41
C SER A 171 37.92 -3.12 -23.12
N GLU A 172 38.04 -1.80 -23.24
CA GLU A 172 36.90 -0.89 -23.06
C GLU A 172 35.84 -1.17 -24.13
N GLU A 173 36.27 -1.80 -25.22
CA GLU A 173 35.36 -2.27 -26.26
C GLU A 173 34.43 -3.37 -25.76
N ASP A 174 34.99 -4.44 -25.20
CA ASP A 174 34.18 -5.52 -24.65
C ASP A 174 33.39 -5.07 -23.43
N ARG A 175 33.99 -4.24 -22.59
CA ARG A 175 33.29 -3.61 -21.47
C ARG A 175 31.94 -3.01 -21.89
N ILE A 176 31.98 -2.18 -22.93
CA ILE A 176 30.79 -1.53 -23.45
C ILE A 176 29.81 -2.55 -24.03
N LYS A 177 30.34 -3.49 -24.82
CA LYS A 177 29.53 -4.53 -25.42
C LYS A 177 28.82 -5.39 -24.36
N LEU A 178 29.59 -5.80 -23.35
CA LEU A 178 29.08 -6.74 -22.37
C LEU A 178 28.04 -6.10 -21.47
N VAL A 179 28.20 -4.82 -21.15
CA VAL A 179 27.17 -4.15 -20.34
C VAL A 179 25.93 -3.88 -21.21
N ASN A 180 26.14 -3.72 -22.51
CA ASN A 180 25.01 -3.54 -23.43
C ASN A 180 24.11 -4.77 -23.42
N ASP A 181 24.76 -5.94 -23.43
CA ASP A 181 24.04 -7.20 -23.40
C ASP A 181 23.61 -7.57 -21.99
N HIS A 182 23.89 -6.66 -21.05
CA HIS A 182 23.51 -6.83 -19.65
C HIS A 182 24.18 -8.07 -19.07
N PHE A 183 25.47 -8.19 -19.33
CA PHE A 183 26.26 -9.28 -18.78
C PHE A 183 27.28 -8.76 -17.77
N LEU A 184 27.57 -7.47 -17.83
CA LEU A 184 28.65 -6.88 -17.05
C LEU A 184 28.15 -6.08 -15.86
N PHE A 185 28.78 -6.25 -14.72
CA PHE A 185 28.48 -5.38 -13.61
C PHE A 185 29.53 -4.27 -13.59
N ARG A 186 29.20 -3.16 -12.92
CA ARG A 186 30.03 -1.98 -12.89
C ARG A 186 30.15 -1.44 -11.47
N ASN A 187 31.15 -0.61 -11.23
CA ASN A 187 31.34 -0.02 -9.92
C ASN A 187 30.51 1.26 -9.77
N ASP A 188 29.20 1.13 -9.93
CA ASP A 188 28.35 2.32 -9.93
C ASP A 188 27.28 2.36 -8.84
N ASP A 189 27.29 1.42 -7.91
CA ASP A 189 26.32 1.43 -6.81
C ASP A 189 26.99 1.96 -5.52
N ASN A 190 26.55 3.12 -5.05
CA ASN A 190 27.22 3.73 -3.91
C ASN A 190 26.93 3.01 -2.58
N VAL A 191 25.81 2.28 -2.48
CA VAL A 191 25.57 1.51 -1.26
C VAL A 191 26.62 0.39 -1.17
N LEU A 192 26.86 -0.28 -2.29
CA LEU A 192 27.86 -1.32 -2.37
C LEU A 192 29.25 -0.74 -2.15
N ARG A 193 29.48 0.44 -2.71
CA ARG A 193 30.76 1.12 -2.57
C ARG A 193 31.09 1.37 -1.11
N ASP A 194 30.15 1.94 -0.38
CA ASP A 194 30.42 2.30 1.01
C ASP A 194 30.34 1.08 1.94
N ALA A 195 29.96 -0.07 1.40
CA ALA A 195 30.02 -1.31 2.15
C ALA A 195 31.31 -2.07 1.84
N GLY A 196 32.22 -1.44 1.10
CA GLY A 196 33.52 -2.01 0.76
C GLY A 196 33.53 -2.92 -0.46
N GLY A 197 32.50 -2.82 -1.31
CA GLY A 197 32.38 -3.75 -2.43
C GLY A 197 33.27 -3.49 -3.62
N TYR A 198 33.91 -2.33 -3.69
CA TYR A 198 34.72 -1.99 -4.85
C TYR A 198 36.21 -1.83 -4.51
N ILE A 199 36.62 -2.29 -3.34
CA ILE A 199 38.03 -2.16 -2.96
C ILE A 199 38.94 -3.01 -3.89
N ASP A 200 40.04 -2.40 -4.35
CA ASP A 200 40.98 -3.01 -5.30
C ASP A 200 40.35 -3.28 -6.67
N TRP A 201 39.32 -2.50 -7.01
CA TRP A 201 38.71 -2.50 -8.34
C TRP A 201 39.76 -2.33 -9.44
N PRO A 202 39.71 -3.15 -10.49
CA PRO A 202 38.74 -4.22 -10.79
C PRO A 202 39.26 -5.62 -10.50
N THR A 203 40.28 -5.75 -9.66
CA THR A 203 40.95 -7.04 -9.52
C THR A 203 40.10 -8.04 -8.72
N GLY A 204 40.29 -9.32 -9.01
CA GLY A 204 39.59 -10.37 -8.27
C GLY A 204 38.16 -10.56 -8.74
N ARG A 205 37.85 -10.01 -9.90
CA ARG A 205 36.48 -9.89 -10.41
C ARG A 205 36.35 -10.27 -11.88
N GLY A 206 35.23 -10.88 -12.23
CA GLY A 206 34.95 -11.18 -13.62
C GLY A 206 33.57 -11.78 -13.84
N ILE A 207 33.27 -12.11 -15.09
CA ILE A 207 32.01 -12.77 -15.41
C ILE A 207 32.22 -14.00 -16.29
N PHE A 208 31.33 -14.96 -16.12
CA PHE A 208 31.34 -16.15 -16.96
C PHE A 208 30.00 -16.23 -17.68
N ILE A 209 30.05 -16.48 -19.00
CA ILE A 209 28.85 -16.69 -19.81
C ILE A 209 29.00 -17.97 -20.60
N ASN A 210 27.95 -18.80 -20.68
CA ASN A 210 28.07 -20.00 -21.48
C ASN A 210 27.84 -19.63 -22.95
N LYS A 211 28.13 -20.58 -23.83
CA LYS A 211 27.94 -20.42 -25.27
C LYS A 211 26.52 -19.98 -25.65
N GLN A 212 25.52 -20.60 -25.03
CA GLN A 212 24.12 -20.29 -25.32
C GLN A 212 23.68 -18.95 -24.75
N LYS A 213 24.52 -18.33 -23.93
CA LYS A 213 24.19 -17.07 -23.28
C LYS A 213 22.87 -17.12 -22.52
N ASN A 214 22.64 -18.22 -21.82
CA ASN A 214 21.48 -18.33 -20.92
C ASN A 214 21.95 -18.73 -19.52
N PHE A 215 23.24 -18.57 -19.30
CA PHE A 215 23.88 -18.91 -18.03
C PHE A 215 24.99 -17.92 -17.76
N LEU A 216 24.79 -17.13 -16.72
CA LEU A 216 25.66 -16.01 -16.39
C LEU A 216 26.18 -16.16 -14.96
N VAL A 217 27.48 -15.95 -14.76
CA VAL A 217 28.05 -15.98 -13.41
C VAL A 217 28.87 -14.73 -13.16
N TRP A 218 28.66 -14.11 -12.00
CA TRP A 218 29.44 -12.95 -11.60
C TRP A 218 30.31 -13.32 -10.42
N ILE A 219 31.60 -13.02 -10.53
CA ILE A 219 32.52 -13.32 -9.47
C ILE A 219 32.90 -12.05 -8.71
N ASN A 220 32.63 -12.05 -7.41
CA ASN A 220 33.01 -10.97 -6.52
C ASN A 220 32.41 -9.62 -6.90
N GLU A 221 31.19 -9.65 -7.44
CA GLU A 221 30.42 -8.42 -7.64
C GLU A 221 29.91 -7.92 -6.29
N GLU A 222 29.26 -8.81 -5.55
CA GLU A 222 28.75 -8.47 -4.23
C GLU A 222 29.01 -9.66 -3.33
N ASP A 223 28.37 -10.77 -3.70
CA ASP A 223 28.72 -12.07 -3.17
C ASP A 223 29.91 -12.64 -3.93
N HIS A 224 30.50 -13.70 -3.40
CA HIS A 224 31.59 -14.40 -4.05
C HIS A 224 31.15 -14.93 -5.41
N ILE A 225 29.99 -15.57 -5.43
CA ILE A 225 29.38 -16.10 -6.66
C ILE A 225 27.94 -15.65 -6.79
N ARG A 226 27.61 -15.07 -7.91
CA ARG A 226 26.21 -14.91 -8.25
C ARG A 226 25.96 -15.68 -9.54
N VAL A 227 25.00 -16.58 -9.50
CA VAL A 227 24.68 -17.44 -10.64
C VAL A 227 23.29 -17.10 -11.18
N ILE A 228 23.22 -16.84 -12.48
CA ILE A 228 21.96 -16.44 -13.09
C ILE A 228 21.67 -17.33 -14.30
N SER A 229 20.48 -17.92 -14.31
CA SER A 229 19.93 -18.60 -15.46
C SER A 229 18.82 -17.71 -16.03
N MET A 230 18.74 -17.59 -17.35
CA MET A 230 17.86 -16.60 -17.98
C MET A 230 17.56 -16.86 -19.46
N GLN A 231 16.33 -16.55 -19.89
CA GLN A 231 15.98 -16.60 -21.32
C GLN A 231 14.70 -15.81 -21.63
N LYS A 232 14.44 -15.57 -22.92
CA LYS A 232 13.20 -14.93 -23.35
C LYS A 232 12.01 -15.85 -23.06
N GLY A 233 10.82 -15.28 -22.91
CA GLY A 233 9.64 -16.10 -22.69
C GLY A 233 9.43 -16.49 -21.24
N GLY A 234 8.54 -17.47 -21.02
CA GLY A 234 8.12 -17.90 -19.69
C GLY A 234 8.47 -19.34 -19.33
N GLY A 235 9.57 -19.84 -19.92
CA GLY A 235 10.02 -21.20 -19.67
C GLY A 235 10.74 -21.36 -18.33
N LEU A 236 10.01 -21.19 -17.23
CA LEU A 236 10.60 -21.31 -15.90
C LEU A 236 11.23 -22.67 -15.63
N THR A 237 10.64 -23.75 -16.16
CA THR A 237 11.13 -25.10 -15.86
C THR A 237 12.59 -25.27 -16.35
N ALA A 238 12.85 -24.88 -17.60
CA ALA A 238 14.20 -24.98 -18.15
C ALA A 238 15.18 -24.02 -17.48
N VAL A 239 14.70 -22.83 -17.14
CA VAL A 239 15.53 -21.82 -16.49
C VAL A 239 15.99 -22.33 -15.13
N TYR A 240 15.01 -22.84 -14.37
CA TYR A 240 15.23 -23.38 -13.04
C TYR A 240 16.15 -24.61 -13.01
N LYS A 241 15.91 -25.56 -13.91
CA LYS A 241 16.73 -26.76 -13.96
C LYS A 241 18.18 -26.45 -14.37
N ARG A 242 18.38 -25.58 -15.36
CA ARG A 242 19.72 -25.19 -15.75
C ARG A 242 20.51 -24.56 -14.58
N LEU A 243 19.82 -23.76 -13.77
CA LEU A 243 20.46 -23.19 -12.58
C LEU A 243 20.78 -24.31 -11.59
N ALA A 244 19.78 -25.14 -11.30
CA ALA A 244 19.91 -26.17 -10.27
C ALA A 244 21.01 -27.17 -10.60
N ASP A 245 21.09 -27.59 -11.86
CA ASP A 245 22.12 -28.54 -12.29
C ASP A 245 23.53 -27.94 -12.15
N ALA A 246 23.64 -26.64 -12.40
CA ALA A 246 24.95 -26.00 -12.33
C ALA A 246 25.42 -25.92 -10.89
N ILE A 247 24.53 -25.47 -9.99
CA ILE A 247 24.95 -25.21 -8.61
C ILE A 247 25.25 -26.51 -7.88
N GLN A 248 24.59 -27.59 -8.29
CA GLN A 248 24.82 -28.86 -7.67
C GLN A 248 26.14 -29.40 -8.18
N GLU A 249 26.48 -29.12 -9.44
CA GLU A 249 27.81 -29.47 -9.92
C GLU A 249 28.88 -28.62 -9.24
N LEU A 250 28.66 -27.31 -9.13
CA LEU A 250 29.62 -26.41 -8.48
C LEU A 250 29.87 -26.75 -7.02
N SER A 251 28.83 -27.24 -6.34
CA SER A 251 28.92 -27.56 -4.92
C SER A 251 29.87 -28.71 -4.63
N LYS A 252 30.28 -29.45 -5.66
CA LYS A 252 31.23 -30.53 -5.44
C LYS A 252 32.65 -30.00 -5.49
N SER A 253 32.85 -28.92 -6.24
CA SER A 253 34.16 -28.27 -6.37
C SER A 253 34.38 -27.17 -5.32
N LEU A 254 33.30 -26.58 -4.82
CA LEU A 254 33.39 -25.43 -3.92
C LEU A 254 32.67 -25.71 -2.59
N LYS A 255 33.30 -25.31 -1.48
CA LYS A 255 32.66 -25.39 -0.17
C LYS A 255 31.91 -24.10 0.14
N PHE A 256 30.59 -24.15 0.11
CA PHE A 256 29.76 -22.97 0.33
C PHE A 256 29.35 -22.86 1.80
N ALA A 257 29.28 -21.63 2.31
CA ALA A 257 28.93 -21.42 3.70
C ALA A 257 27.43 -21.54 3.92
N PHE A 258 27.04 -22.40 4.85
CA PHE A 258 25.65 -22.66 5.15
C PHE A 258 25.50 -22.94 6.63
N ASN A 259 24.42 -22.47 7.25
CA ASN A 259 24.09 -23.01 8.56
C ASN A 259 22.59 -23.16 8.69
N ASP A 260 22.16 -23.86 9.74
CA ASP A 260 20.77 -24.27 9.81
C ASP A 260 19.88 -23.17 10.33
N ARG A 261 20.49 -22.05 10.73
CA ARG A 261 19.74 -20.86 11.12
C ARG A 261 19.40 -19.98 9.91
N LEU A 262 20.44 -19.62 9.16
CA LEU A 262 20.34 -18.61 8.10
C LEU A 262 20.40 -19.20 6.69
N GLY A 263 20.60 -20.51 6.59
CA GLY A 263 20.80 -21.14 5.29
C GLY A 263 22.14 -20.70 4.74
N PHE A 264 22.17 -20.38 3.46
CA PHE A 264 23.38 -19.91 2.79
C PHE A 264 23.67 -18.48 3.17
N ILE A 265 24.89 -18.25 3.62
CA ILE A 265 25.32 -16.90 4.02
C ILE A 265 25.57 -16.06 2.78
N THR A 266 25.11 -14.82 2.81
CA THR A 266 25.39 -13.87 1.77
C THR A 266 25.86 -12.56 2.36
N PHE A 267 26.38 -11.69 1.51
CA PHE A 267 26.84 -10.35 1.87
C PHE A 267 25.71 -9.47 2.41
N CYS A 268 24.59 -9.45 1.69
CA CYS A 268 23.44 -8.71 2.17
C CYS A 268 22.43 -9.69 2.80
N PRO A 269 22.00 -9.40 4.02
CA PRO A 269 21.00 -10.18 4.78
C PRO A 269 19.72 -10.46 4.00
N SER A 270 19.41 -9.65 3.00
CA SER A 270 18.19 -9.86 2.24
C SER A 270 18.26 -11.12 1.38
N ASN A 271 19.46 -11.58 1.09
CA ASN A 271 19.61 -12.77 0.24
C ASN A 271 19.96 -14.05 0.99
N LEU A 272 19.70 -14.09 2.29
CA LEU A 272 20.00 -15.28 3.08
C LEU A 272 19.06 -16.44 2.73
N GLY A 273 19.30 -17.61 3.32
CA GLY A 273 18.41 -18.75 3.14
C GLY A 273 18.65 -19.52 1.85
N THR A 274 17.68 -19.45 0.93
CA THR A 274 17.82 -19.98 -0.43
C THR A 274 18.68 -19.10 -1.34
N THR A 275 18.77 -17.81 -1.01
CA THR A 275 19.41 -16.78 -1.86
C THR A 275 18.70 -16.63 -3.19
N LEU A 276 17.56 -17.30 -3.34
CA LEU A 276 16.99 -17.53 -4.65
C LEU A 276 15.97 -16.47 -5.04
N ARG A 277 16.23 -15.81 -6.16
CA ARG A 277 15.32 -14.82 -6.72
C ARG A 277 14.88 -15.32 -8.09
N ALA A 278 13.64 -15.80 -8.15
CA ALA A 278 13.05 -16.31 -9.38
C ALA A 278 12.11 -15.23 -9.86
N SER A 279 12.28 -14.79 -11.10
CA SER A 279 11.50 -13.65 -11.58
C SER A 279 11.12 -13.71 -13.04
N VAL A 280 10.04 -13.00 -13.39
CA VAL A 280 9.67 -12.68 -14.77
C VAL A 280 9.63 -11.18 -14.97
N HIS A 281 9.91 -10.73 -16.19
CA HIS A 281 9.48 -9.41 -16.63
C HIS A 281 8.16 -9.62 -17.37
N ALA A 282 7.08 -9.05 -16.85
CA ALA A 282 5.77 -9.28 -17.46
C ALA A 282 5.02 -7.98 -17.69
N LYS A 283 4.21 -7.96 -18.74
CA LYS A 283 3.38 -6.82 -19.08
C LYS A 283 2.04 -6.85 -18.36
N ILE A 284 1.96 -6.13 -17.26
CA ILE A 284 0.74 -6.10 -16.46
C ILE A 284 0.23 -4.68 -16.14
N PRO A 285 0.10 -3.81 -17.17
CA PRO A 285 -0.26 -2.40 -16.95
C PRO A 285 -1.53 -2.21 -16.11
N MET A 286 -2.58 -2.97 -16.40
CA MET A 286 -3.84 -2.77 -15.71
C MET A 286 -3.76 -3.21 -14.25
N LEU A 287 -3.17 -4.37 -14.00
CA LEU A 287 -2.99 -4.86 -12.64
C LEU A 287 -2.14 -3.88 -11.84
N ALA A 288 -1.08 -3.37 -12.46
CA ALA A 288 -0.17 -2.43 -11.81
C ALA A 288 -0.84 -1.12 -11.42
N SER A 289 -1.99 -0.83 -12.04
CA SER A 289 -2.66 0.47 -11.85
C SER A 289 -3.65 0.38 -10.69
N LEU A 290 -3.90 -0.83 -10.21
CA LEU A 290 -4.85 -1.02 -9.12
C LEU A 290 -4.36 -0.36 -7.83
N PRO A 291 -5.31 0.21 -7.06
CA PRO A 291 -4.92 0.98 -5.87
C PRO A 291 -4.08 0.15 -4.90
N ASN A 292 -4.41 -1.14 -4.79
CA ASN A 292 -3.73 -2.03 -3.85
C ASN A 292 -2.91 -3.09 -4.57
N PHE A 293 -2.32 -2.70 -5.69
CA PHE A 293 -1.40 -3.55 -6.45
C PHE A 293 -0.33 -4.23 -5.58
N LYS A 294 0.41 -3.44 -4.79
CA LYS A 294 1.43 -4.00 -3.89
C LYS A 294 0.86 -5.07 -2.96
N GLU A 295 -0.30 -4.79 -2.39
CA GLU A 295 -0.91 -5.73 -1.44
C GLU A 295 -1.35 -7.01 -2.14
N ILE A 296 -1.91 -6.88 -3.34
CA ILE A 296 -2.33 -8.04 -4.12
C ILE A 296 -1.14 -8.92 -4.43
N CYS A 297 -0.03 -8.30 -4.82
CA CYS A 297 1.19 -9.06 -5.05
C CYS A 297 1.65 -9.79 -3.79
N GLU A 298 1.79 -9.07 -2.68
CA GLU A 298 2.30 -9.69 -1.46
C GLU A 298 1.39 -10.84 -1.00
N LYS A 299 0.08 -10.69 -1.19
CA LYS A 299 -0.89 -11.71 -0.83
C LYS A 299 -0.73 -12.97 -1.66
N HIS A 300 -0.19 -12.83 -2.87
CA HIS A 300 0.13 -13.99 -3.73
C HIS A 300 1.60 -14.43 -3.60
N GLY A 301 2.33 -13.88 -2.62
CA GLY A 301 3.71 -14.29 -2.35
C GLY A 301 4.70 -13.67 -3.32
N ILE A 302 4.32 -12.54 -3.91
CA ILE A 302 5.11 -11.95 -4.98
C ILE A 302 5.61 -10.55 -4.62
N GLN A 303 6.86 -10.25 -4.94
CA GLN A 303 7.40 -8.90 -4.84
C GLN A 303 7.49 -8.26 -6.22
N PRO A 304 6.80 -7.12 -6.43
CA PRO A 304 6.91 -6.34 -7.67
C PRO A 304 7.99 -5.24 -7.62
N ARG A 305 8.70 -5.07 -8.73
CA ARG A 305 9.59 -3.94 -8.92
C ARG A 305 9.36 -3.40 -10.33
N GLY A 306 9.27 -2.08 -10.46
CA GLY A 306 9.06 -1.46 -11.76
C GLY A 306 10.32 -1.57 -12.59
N THR A 307 10.19 -1.34 -13.89
CA THR A 307 11.34 -1.42 -14.80
C THR A 307 11.56 -0.09 -15.53
N HIS A 308 11.21 1.01 -14.88
CA HIS A 308 11.40 2.34 -15.45
C HIS A 308 12.84 2.59 -15.91
N GLY A 309 12.98 3.10 -17.12
CA GLY A 309 14.28 3.36 -17.72
C GLY A 309 14.72 2.27 -18.69
N GLU A 310 14.03 1.14 -18.66
CA GLU A 310 14.45 -0.03 -19.43
C GLU A 310 13.67 -0.16 -20.74
N HIS A 311 12.79 0.79 -20.98
CA HIS A 311 11.99 0.76 -22.20
C HIS A 311 11.87 2.15 -22.81
N THR A 312 11.13 2.24 -23.90
CA THR A 312 10.90 3.50 -24.58
C THR A 312 9.80 4.30 -23.87
N GLU A 313 9.63 5.56 -24.27
CA GLU A 313 8.76 6.49 -23.55
C GLU A 313 7.31 5.98 -23.45
N SER A 314 6.79 5.43 -24.55
CA SER A 314 5.39 4.99 -24.59
C SER A 314 5.17 3.50 -24.23
N VAL A 315 6.21 2.83 -23.74
CA VAL A 315 6.06 1.45 -23.28
C VAL A 315 6.06 1.37 -21.74
N GLY A 316 4.89 1.11 -21.17
CA GLY A 316 4.77 1.07 -19.72
C GLY A 316 4.16 -0.24 -19.28
N GLY A 317 4.00 -0.39 -17.97
CA GLY A 317 3.27 -1.51 -17.41
C GLY A 317 4.04 -2.81 -17.36
N ILE A 318 5.36 -2.75 -17.57
CA ILE A 318 6.21 -3.92 -17.49
C ILE A 318 6.84 -4.04 -16.10
N TYR A 319 6.61 -5.15 -15.42
CA TYR A 319 7.15 -5.29 -14.06
C TYR A 319 7.98 -6.55 -13.89
N ASP A 320 8.97 -6.44 -13.00
CA ASP A 320 9.69 -7.61 -12.51
C ASP A 320 8.88 -8.22 -11.35
N LEU A 321 8.51 -9.48 -11.50
CA LEU A 321 7.75 -10.17 -10.44
C LEU A 321 8.57 -11.33 -9.94
N SER A 322 8.80 -11.38 -8.63
CA SER A 322 9.60 -12.45 -8.03
C SER A 322 8.99 -13.01 -6.75
N ASN A 323 9.40 -14.23 -6.38
CA ASN A 323 9.07 -14.75 -5.05
C ASN A 323 9.53 -13.75 -3.99
N LYS A 324 8.65 -13.47 -3.03
CA LYS A 324 9.00 -12.54 -1.95
C LYS A 324 9.86 -13.23 -0.90
N ARG A 325 9.73 -14.54 -0.77
CA ARG A 325 10.44 -15.25 0.30
C ARG A 325 11.83 -15.75 -0.08
N ARG A 326 12.77 -15.68 0.86
CA ARG A 326 14.11 -16.23 0.67
C ARG A 326 14.49 -17.26 1.75
N LEU A 327 14.04 -17.00 2.97
CA LEU A 327 14.52 -17.68 4.17
C LEU A 327 13.40 -18.48 4.80
N GLY A 328 13.72 -19.68 5.28
CA GLY A 328 12.73 -20.50 5.97
C GLY A 328 11.86 -21.37 5.07
N LEU A 329 12.30 -21.54 3.82
CA LEU A 329 11.68 -22.44 2.86
C LEU A 329 12.75 -23.00 1.94
N THR A 330 12.49 -24.12 1.25
CA THR A 330 13.44 -24.67 0.29
C THR A 330 13.44 -23.90 -1.03
N GLU A 331 14.45 -24.17 -1.85
CA GLU A 331 14.50 -23.61 -3.19
C GLU A 331 13.25 -24.02 -3.98
N LEU A 332 12.83 -25.26 -3.80
CA LEU A 332 11.62 -25.74 -4.44
C LEU A 332 10.42 -24.92 -3.97
N ASP A 333 10.26 -24.73 -2.66
CA ASP A 333 9.17 -23.91 -2.15
C ASP A 333 9.20 -22.50 -2.74
N ALA A 334 10.40 -21.95 -2.89
CA ALA A 334 10.59 -20.58 -3.37
C ALA A 334 10.20 -20.42 -4.83
N VAL A 335 10.64 -21.34 -5.68
CA VAL A 335 10.37 -21.23 -7.11
C VAL A 335 8.89 -21.56 -7.35
N THR A 336 8.38 -22.46 -6.53
CA THR A 336 6.96 -22.77 -6.54
C THR A 336 6.10 -21.56 -6.16
N GLU A 337 6.50 -20.87 -5.10
CA GLU A 337 5.83 -19.64 -4.69
C GLU A 337 5.78 -18.64 -5.84
N MET A 338 6.93 -18.42 -6.47
CA MET A 338 7.01 -17.51 -7.59
C MET A 338 6.07 -17.95 -8.72
N HIS A 339 6.11 -19.23 -9.06
CA HIS A 339 5.32 -19.71 -10.19
C HIS A 339 3.82 -19.58 -9.93
N SER A 340 3.38 -20.08 -8.78
CA SER A 340 1.97 -20.03 -8.41
C SER A 340 1.47 -18.58 -8.33
N GLY A 341 2.27 -17.73 -7.70
CA GLY A 341 1.87 -16.34 -7.52
C GLY A 341 1.81 -15.57 -8.83
N VAL A 342 2.83 -15.75 -9.66
CA VAL A 342 2.91 -15.06 -10.92
C VAL A 342 1.81 -15.56 -11.87
N ARG A 343 1.65 -16.87 -11.92
CA ARG A 343 0.53 -17.44 -12.67
C ARG A 343 -0.79 -16.75 -12.31
N ALA A 344 -1.09 -16.69 -11.02
CA ALA A 344 -2.33 -16.05 -10.56
C ALA A 344 -2.43 -14.58 -10.97
N LEU A 345 -1.34 -13.84 -10.83
CA LEU A 345 -1.32 -12.42 -11.12
C LEU A 345 -1.50 -12.20 -12.62
N LEU A 346 -0.88 -13.07 -13.42
CA LEU A 346 -1.02 -12.99 -14.87
C LEU A 346 -2.45 -13.35 -15.30
N GLU A 347 -3.05 -14.33 -14.64
CA GLU A 347 -4.45 -14.70 -14.89
C GLU A 347 -5.37 -13.54 -14.55
N LEU A 348 -5.03 -12.81 -13.49
CA LEU A 348 -5.78 -11.62 -13.10
C LEU A 348 -5.63 -10.50 -14.10
N GLU A 349 -4.46 -10.38 -14.70
CA GLU A 349 -4.26 -9.33 -15.70
C GLU A 349 -5.10 -9.62 -16.94
N VAL A 350 -5.16 -10.88 -17.34
CA VAL A 350 -5.99 -11.28 -18.47
C VAL A 350 -7.45 -11.04 -18.15
N MET A 351 -7.88 -11.42 -16.94
CA MET A 351 -9.26 -11.17 -16.53
C MET A 351 -9.59 -9.67 -16.49
N LEU A 352 -8.61 -8.85 -16.13
CA LEU A 352 -8.81 -7.41 -16.06
C LEU A 352 -8.96 -6.81 -17.44
N GLN A 353 -8.13 -7.26 -18.38
CA GLN A 353 -8.19 -6.72 -19.73
C GLN A 353 -9.51 -7.11 -20.38
N GLU A 354 -9.99 -8.30 -20.04
CA GLU A 354 -11.21 -8.84 -20.63
C GLU A 354 -12.43 -8.09 -20.08
N TYR A 355 -12.42 -7.88 -18.77
CA TYR A 355 -13.57 -7.32 -18.09
C TYR A 355 -13.70 -5.81 -18.29
N ASN A 356 -12.59 -5.15 -18.60
CA ASN A 356 -12.67 -3.71 -18.82
C ASN A 356 -12.40 -3.28 -20.26
N LYS A 357 -12.56 -4.20 -21.20
CA LYS A 357 -12.43 -3.84 -22.61
C LYS A 357 -13.49 -2.78 -22.99
N GLY A 358 -13.04 -1.65 -23.49
CA GLY A 358 -13.95 -0.63 -23.93
C GLY A 358 -14.52 0.26 -22.85
N ALA A 359 -14.00 0.16 -21.62
CA ALA A 359 -14.46 1.03 -20.54
C ALA A 359 -13.88 2.42 -20.73
N PRO A 360 -14.56 3.45 -20.19
CA PRO A 360 -14.04 4.81 -20.41
C PRO A 360 -12.61 4.96 -19.92
N GLU A 361 -11.84 5.80 -20.62
CA GLU A 361 -10.44 6.00 -20.28
C GLU A 361 -10.30 6.81 -18.98
N GLY A 362 -9.34 6.39 -18.16
CA GLY A 362 -9.08 7.04 -16.89
C GLY A 362 -9.99 6.55 -15.78
N VAL A 363 -11.00 5.78 -16.15
CA VAL A 363 -11.94 5.24 -15.18
C VAL A 363 -11.35 3.98 -14.59
N MET A 364 -11.44 3.84 -13.27
CA MET A 364 -10.84 2.72 -12.59
C MET A 364 -11.23 1.38 -13.20
N PRO A 365 -10.24 0.61 -13.65
CA PRO A 365 -10.52 -0.75 -14.10
C PRO A 365 -10.87 -1.62 -12.90
N VAL A 366 -11.59 -2.72 -13.11
CA VAL A 366 -12.03 -3.52 -11.98
C VAL A 366 -11.97 -5.01 -12.31
N GLU A 367 -11.72 -5.81 -11.28
CA GLU A 367 -11.72 -7.27 -11.40
C GLU A 367 -13.13 -7.75 -11.67
N PRO A 368 -13.29 -8.89 -12.37
CA PRO A 368 -14.61 -9.48 -12.60
C PRO A 368 -15.44 -9.60 -11.33
N LEU A 369 -16.74 -9.43 -11.45
CA LEU A 369 -17.63 -9.50 -10.30
C LEU A 369 -17.46 -10.82 -9.55
N THR A 370 -17.28 -11.92 -10.29
CA THR A 370 -17.22 -13.24 -9.66
C THR A 370 -15.92 -13.45 -8.93
N TYR A 371 -14.84 -12.83 -9.43
CA TYR A 371 -13.57 -12.84 -8.71
C TYR A 371 -13.71 -12.12 -7.35
N LEU A 372 -14.32 -10.94 -7.36
CA LEU A 372 -14.42 -10.17 -6.13
C LEU A 372 -15.41 -10.79 -5.17
N ALA A 373 -16.45 -11.43 -5.71
CA ALA A 373 -17.44 -12.11 -4.89
C ALA A 373 -16.78 -13.23 -4.09
N LYS A 374 -15.77 -13.87 -4.66
CA LYS A 374 -15.07 -14.93 -3.93
C LYS A 374 -14.26 -14.31 -2.79
N LEU A 375 -13.55 -13.20 -3.06
CA LEU A 375 -12.84 -12.49 -2.00
C LEU A 375 -13.80 -12.05 -0.90
N LEU A 376 -15.03 -11.70 -1.30
CA LEU A 376 -16.03 -11.16 -0.39
C LEU A 376 -16.55 -12.23 0.58
N GLU A 377 -16.28 -13.49 0.27
CA GLU A 377 -16.68 -14.61 1.14
C GLU A 377 -16.04 -14.56 2.55
N GLY A 378 -14.93 -13.85 2.67
CA GLY A 378 -14.33 -13.63 3.97
C GLY A 378 -15.20 -12.75 4.87
N ALA A 379 -16.04 -11.93 4.27
CA ALA A 379 -16.87 -11.00 5.05
C ALA A 379 -18.03 -11.76 5.73
N SER A 380 -18.55 -11.21 6.82
CA SER A 380 -19.67 -11.86 7.49
C SER A 380 -20.98 -11.69 6.74
N ILE A 381 -21.71 -12.78 6.52
CA ILE A 381 -23.00 -12.66 5.84
C ILE A 381 -24.08 -12.15 6.79
N GLU A 382 -23.72 -11.99 8.06
CA GLU A 382 -24.66 -11.51 9.06
C GLU A 382 -24.51 -10.01 9.32
N LYS A 383 -23.32 -9.47 9.08
CA LYS A 383 -23.02 -8.09 9.45
C LYS A 383 -22.77 -7.23 8.23
N CYS A 384 -22.22 -7.86 7.19
CA CYS A 384 -21.73 -7.13 6.05
C CYS A 384 -22.79 -6.99 4.96
N TYR A 385 -23.36 -5.80 4.86
CA TYR A 385 -24.45 -5.53 3.92
C TYR A 385 -24.04 -5.83 2.49
N THR A 386 -22.81 -5.49 2.17
CA THR A 386 -22.25 -5.69 0.84
C THR A 386 -22.44 -7.14 0.37
N ARG A 387 -22.15 -8.09 1.26
CA ARG A 387 -22.17 -9.49 0.91
C ARG A 387 -23.56 -10.06 1.05
N LYS A 388 -24.29 -9.55 2.03
CA LYS A 388 -25.61 -10.05 2.35
C LYS A 388 -26.54 -9.99 1.14
N TYR A 389 -26.53 -8.87 0.40
CA TYR A 389 -27.48 -8.72 -0.69
C TYR A 389 -26.88 -9.11 -2.06
N LEU A 390 -25.66 -9.63 -2.05
CA LEU A 390 -25.03 -10.09 -3.28
C LEU A 390 -25.39 -11.56 -3.57
N THR A 391 -26.67 -11.80 -3.78
CA THR A 391 -27.17 -13.14 -4.07
C THR A 391 -26.76 -13.62 -5.46
N PRO A 392 -26.90 -14.93 -5.73
CA PRO A 392 -26.70 -15.42 -7.10
C PRO A 392 -27.60 -14.79 -8.14
N GLU A 393 -28.87 -14.53 -7.82
CA GLU A 393 -29.75 -13.79 -8.73
C GLU A 393 -29.16 -12.41 -9.10
N ILE A 394 -28.61 -11.71 -8.11
CA ILE A 394 -28.04 -10.38 -8.34
C ILE A 394 -26.81 -10.47 -9.23
N ILE A 395 -25.92 -11.40 -8.92
CA ILE A 395 -24.73 -11.62 -9.74
C ILE A 395 -25.10 -11.97 -11.19
N LYS A 396 -25.98 -12.95 -11.33
CA LYS A 396 -26.43 -13.37 -12.65
C LYS A 396 -27.01 -12.18 -13.41
N LYS A 397 -27.85 -11.40 -12.74
CA LYS A 397 -28.52 -10.28 -13.41
C LYS A 397 -27.59 -9.14 -13.83
N TYR A 398 -26.64 -8.80 -12.97
CA TYR A 398 -25.89 -7.57 -13.16
C TYR A 398 -24.45 -7.75 -13.63
N ASP A 399 -24.00 -8.99 -13.74
CA ASP A 399 -22.64 -9.21 -14.21
C ASP A 399 -22.60 -8.79 -15.68
N GLY A 400 -21.57 -8.04 -16.07
CA GLY A 400 -21.51 -7.54 -17.43
C GLY A 400 -22.24 -6.21 -17.66
N LYS A 401 -23.03 -5.77 -16.69
CA LYS A 401 -23.73 -4.51 -16.88
C LYS A 401 -22.90 -3.32 -16.41
N ARG A 402 -23.00 -2.23 -17.18
CA ARG A 402 -22.42 -0.95 -16.80
C ARG A 402 -23.50 0.12 -16.81
N THR A 403 -23.34 1.11 -15.95
CA THR A 403 -24.11 2.33 -16.09
C THR A 403 -23.69 3.00 -17.38
N THR A 404 -24.46 3.99 -17.79
CA THR A 404 -24.16 4.77 -18.98
C THR A 404 -22.74 5.30 -18.99
N HIS A 405 -22.22 5.65 -17.83
CA HIS A 405 -20.87 6.23 -17.75
C HIS A 405 -19.81 5.26 -17.24
N GLY A 406 -20.13 3.98 -17.13
CA GLY A 406 -19.10 2.97 -16.90
C GLY A 406 -18.96 2.34 -15.51
N ALA A 407 -19.91 2.60 -14.63
CA ALA A 407 -19.86 1.97 -13.31
C ALA A 407 -20.42 0.55 -13.36
N THR A 408 -19.82 -0.32 -12.55
CA THR A 408 -20.23 -1.71 -12.47
C THR A 408 -20.56 -2.09 -11.03
N LEU A 409 -21.22 -3.24 -10.87
CA LEU A 409 -21.47 -3.79 -9.54
C LEU A 409 -20.15 -4.24 -8.92
N ALA A 410 -19.25 -4.74 -9.76
CA ALA A 410 -17.93 -5.14 -9.31
C ALA A 410 -17.23 -3.98 -8.61
N HIS A 411 -17.23 -2.80 -9.24
CA HIS A 411 -16.69 -1.58 -8.66
C HIS A 411 -17.16 -1.37 -7.23
N MET A 412 -18.45 -1.50 -7.01
CA MET A 412 -18.99 -1.05 -5.74
C MET A 412 -18.80 -2.06 -4.61
N ILE A 413 -18.55 -3.33 -4.92
CA ILE A 413 -18.24 -4.26 -3.84
C ILE A 413 -16.73 -4.41 -3.59
N ARG A 414 -15.90 -3.75 -4.39
CA ARG A 414 -14.46 -3.99 -4.33
C ARG A 414 -13.88 -3.67 -2.95
N ASN A 415 -14.34 -2.59 -2.33
CA ASN A 415 -13.80 -2.18 -1.04
C ASN A 415 -14.03 -3.25 0.04
N GLY A 416 -15.21 -3.87 0.04
CA GLY A 416 -15.52 -4.95 0.97
C GLY A 416 -14.84 -6.27 0.62
N ALA A 417 -14.58 -6.47 -0.67
CA ALA A 417 -13.92 -7.67 -1.14
C ALA A 417 -12.49 -7.76 -0.57
N TYR A 418 -11.79 -6.63 -0.56
CA TYR A 418 -10.44 -6.56 -0.02
C TYR A 418 -10.36 -6.17 1.45
N ASN A 419 -11.43 -5.59 1.98
CA ASN A 419 -11.49 -5.23 3.39
C ASN A 419 -12.75 -5.83 4.01
N ASN A 420 -12.68 -7.11 4.37
CA ASN A 420 -13.86 -7.92 4.75
C ASN A 420 -14.62 -7.44 5.99
N ARG A 421 -14.06 -6.48 6.71
CA ARG A 421 -14.79 -5.88 7.83
C ARG A 421 -15.57 -4.65 7.42
N SER A 422 -15.30 -4.14 6.23
CA SER A 422 -16.11 -3.04 5.68
C SER A 422 -17.49 -3.58 5.39
N ILE A 423 -18.52 -2.90 5.90
CA ILE A 423 -19.88 -3.45 5.85
C ILE A 423 -20.75 -2.88 4.73
N CYS A 424 -20.30 -1.81 4.08
CA CYS A 424 -21.09 -1.17 3.00
C CYS A 424 -20.32 -1.02 1.68
N PRO A 425 -21.05 -1.00 0.57
CA PRO A 425 -20.43 -0.78 -0.74
C PRO A 425 -20.08 0.70 -0.98
N ARG A 426 -19.33 0.98 -2.04
CA ARG A 426 -19.03 2.34 -2.46
C ARG A 426 -19.41 2.48 -3.94
N THR A 427 -20.47 3.24 -4.24
CA THR A 427 -20.97 3.34 -5.63
C THR A 427 -20.10 4.22 -6.54
N GLY A 428 -20.32 4.11 -7.85
CA GLY A 428 -19.48 4.80 -8.82
C GLY A 428 -20.08 6.08 -9.38
N GLU A 429 -21.42 6.17 -9.34
CA GLU A 429 -22.14 7.38 -9.78
C GLU A 429 -23.61 7.26 -9.34
N ALA A 430 -24.32 8.39 -9.39
CA ALA A 430 -25.70 8.46 -8.92
C ALA A 430 -26.60 7.47 -9.64
N GLU A 431 -26.36 7.27 -10.93
CA GLU A 431 -27.14 6.33 -11.75
C GLU A 431 -27.07 4.86 -11.26
N CYS A 432 -26.04 4.54 -10.48
CA CYS A 432 -25.95 3.22 -9.83
C CYS A 432 -27.21 2.88 -9.03
N TYR A 433 -27.80 3.88 -8.38
CA TYR A 433 -28.95 3.67 -7.52
C TYR A 433 -30.23 3.32 -8.29
N SER A 434 -30.27 3.56 -9.59
CA SER A 434 -31.38 3.05 -10.40
C SER A 434 -30.95 1.81 -11.20
N THR A 435 -29.74 1.82 -11.73
CA THR A 435 -29.27 0.73 -12.60
C THR A 435 -29.07 -0.58 -11.81
N PHE A 436 -28.54 -0.47 -10.60
CA PHE A 436 -28.37 -1.66 -9.75
C PHE A 436 -29.36 -1.68 -8.57
N ILE A 437 -30.59 -1.25 -8.81
CA ILE A 437 -31.56 -1.07 -7.74
C ILE A 437 -31.87 -2.39 -6.99
N ASP A 438 -31.86 -3.53 -7.69
CA ASP A 438 -32.21 -4.79 -7.02
C ASP A 438 -31.17 -5.15 -5.97
N TYR A 439 -29.97 -4.64 -6.15
CA TYR A 439 -28.94 -4.84 -5.15
C TYR A 439 -29.03 -3.76 -4.08
N LEU A 440 -29.05 -2.51 -4.53
CA LEU A 440 -28.90 -1.39 -3.61
C LEU A 440 -30.15 -1.12 -2.78
N ASP A 441 -31.33 -1.32 -3.35
CA ASP A 441 -32.55 -0.94 -2.62
C ASP A 441 -32.79 -1.77 -1.36
N PRO A 442 -32.76 -3.11 -1.45
CA PRO A 442 -32.92 -3.83 -0.17
C PRO A 442 -31.80 -3.54 0.82
N LEU A 443 -30.58 -3.34 0.32
CA LEU A 443 -29.43 -3.00 1.18
C LEU A 443 -29.70 -1.72 1.98
N ILE A 444 -30.21 -0.72 1.27
CA ILE A 444 -30.58 0.57 1.85
C ILE A 444 -31.69 0.42 2.88
N CYS A 445 -32.75 -0.32 2.53
CA CYS A 445 -33.84 -0.55 3.46
C CYS A 445 -33.36 -1.16 4.77
N ASP A 446 -32.53 -2.20 4.64
CA ASP A 446 -31.92 -2.90 5.77
C ASP A 446 -31.11 -1.94 6.64
N TYR A 447 -30.09 -1.34 6.03
CA TYR A 447 -29.17 -0.47 6.77
C TYR A 447 -29.88 0.68 7.51
N HIS A 448 -30.87 1.29 6.85
CA HIS A 448 -31.45 2.51 7.38
C HIS A 448 -32.73 2.24 8.15
N GLY A 449 -33.14 0.97 8.18
CA GLY A 449 -34.30 0.56 8.95
C GLY A 449 -35.60 1.08 8.34
N VAL A 450 -35.68 1.10 7.01
CA VAL A 450 -36.85 1.64 6.35
C VAL A 450 -37.41 0.65 5.34
N LYS A 451 -38.44 1.07 4.62
CA LYS A 451 -39.07 0.20 3.64
C LYS A 451 -39.35 0.98 2.38
N ASP A 452 -39.59 0.27 1.29
CA ASP A 452 -40.10 0.87 0.07
C ASP A 452 -41.41 1.62 0.32
N SER A 453 -41.40 2.91 -0.02
CA SER A 453 -42.54 3.80 0.12
C SER A 453 -43.04 4.30 -1.25
N ALA A 454 -44.35 4.53 -1.36
CA ALA A 454 -44.97 5.07 -2.58
C ALA A 454 -44.64 6.53 -2.82
N PHE A 455 -44.13 7.19 -1.79
CA PHE A 455 -44.04 8.64 -1.84
C PHE A 455 -42.62 9.15 -2.03
N LYS A 456 -42.52 10.31 -2.67
CA LYS A 456 -41.24 10.95 -2.94
C LYS A 456 -40.51 11.22 -1.64
N HIS A 457 -39.20 11.09 -1.67
CA HIS A 457 -38.41 11.62 -0.56
C HIS A 457 -38.74 13.10 -0.46
N PRO A 458 -39.12 13.56 0.75
CA PRO A 458 -39.48 14.97 0.89
C PRO A 458 -38.34 15.89 0.46
N ALA A 459 -38.70 17.06 -0.01
CA ALA A 459 -37.71 18.06 -0.39
C ALA A 459 -36.86 18.40 0.82
N PRO A 460 -35.67 18.98 0.57
CA PRO A 460 -34.84 19.50 1.66
C PRO A 460 -35.67 20.34 2.63
N THR A 461 -35.68 19.94 3.89
CA THR A 461 -36.40 20.69 4.92
C THR A 461 -35.44 21.07 6.03
N PHE A 462 -34.83 22.25 5.86
CA PHE A 462 -33.84 22.75 6.79
C PHE A 462 -34.49 23.42 8.00
N GLY A 463 -35.72 23.87 7.81
CA GLY A 463 -36.42 24.61 8.85
C GLY A 463 -36.28 26.10 8.64
N ASP A 464 -36.88 26.88 9.54
CA ASP A 464 -36.72 28.33 9.56
C ASP A 464 -35.45 28.64 10.31
N LEU A 465 -34.44 29.18 9.61
CA LEU A 465 -33.12 29.37 10.20
C LEU A 465 -33.10 30.49 11.25
N SER A 466 -34.16 31.28 11.36
CA SER A 466 -34.18 32.33 12.36
C SER A 466 -35.02 31.92 13.58
N LYS A 467 -35.78 30.84 13.42
CA LYS A 467 -36.63 30.35 14.49
C LYS A 467 -36.48 28.83 14.59
N LEU A 468 -35.29 28.39 14.99
CA LEU A 468 -34.99 26.96 15.12
C LEU A 468 -35.48 26.39 16.45
N PRO A 469 -35.84 25.10 16.46
CA PRO A 469 -36.32 24.41 17.66
C PRO A 469 -35.21 23.98 18.63
N PHE A 470 -34.04 24.58 18.51
CA PHE A 470 -32.94 24.33 19.42
C PHE A 470 -32.05 25.55 19.43
N GLY A 471 -31.23 25.70 20.48
CA GLY A 471 -30.34 26.84 20.61
C GLY A 471 -28.95 26.40 21.08
N ASP A 472 -28.54 26.91 22.23
CA ASP A 472 -27.28 26.51 22.87
C ASP A 472 -27.62 25.44 23.89
N LEU A 473 -27.10 24.23 23.70
CA LEU A 473 -27.43 23.12 24.57
C LEU A 473 -26.64 23.18 25.87
N ASP A 474 -25.64 24.06 25.92
CA ASP A 474 -24.76 24.15 27.09
C ASP A 474 -24.35 25.59 27.39
N PRO A 475 -25.29 26.41 27.86
CA PRO A 475 -24.98 27.82 28.14
C PRO A 475 -24.06 27.93 29.36
N THR A 476 -24.23 26.99 30.29
CA THR A 476 -23.59 27.01 31.60
C THR A 476 -22.07 27.24 31.53
N GLY A 477 -21.36 26.33 30.89
CA GLY A 477 -19.92 26.46 30.84
C GLY A 477 -19.28 25.34 30.06
N LYS A 478 -19.30 24.14 30.63
CA LYS A 478 -18.69 23.00 29.94
C LYS A 478 -19.29 21.65 30.31
N PHE A 479 -20.07 21.13 29.37
CA PHE A 479 -20.37 19.72 29.22
C PHE A 479 -20.06 19.38 27.77
N ILE A 480 -20.17 20.41 26.92
CA ILE A 480 -19.91 20.28 25.50
C ILE A 480 -18.65 21.04 25.10
N VAL A 481 -17.64 20.30 24.63
CA VAL A 481 -16.40 20.90 24.17
C VAL A 481 -16.62 21.59 22.82
N SER A 482 -17.34 20.91 21.94
CA SER A 482 -17.60 21.47 20.63
C SER A 482 -18.77 20.81 19.93
N THR A 483 -19.33 21.56 18.98
CA THR A 483 -20.48 21.14 18.21
C THR A 483 -20.14 21.22 16.74
N ARG A 484 -20.68 20.29 15.97
CA ARG A 484 -20.36 20.13 14.56
C ARG A 484 -21.57 19.59 13.78
N VAL A 485 -21.85 20.11 12.59
CA VAL A 485 -22.83 19.46 11.71
C VAL A 485 -22.27 19.40 10.30
N ARG A 486 -22.40 18.25 9.65
CA ARG A 486 -21.93 18.10 8.28
C ARG A 486 -22.92 17.38 7.37
N VAL A 487 -22.83 17.70 6.07
CA VAL A 487 -23.49 16.92 5.05
C VAL A 487 -22.49 16.46 3.98
N GLY A 488 -22.86 15.38 3.29
CA GLY A 488 -22.17 14.99 2.07
C GLY A 488 -23.00 15.51 0.92
N ARG A 489 -22.35 15.84 -0.19
CA ARG A 489 -23.08 16.27 -1.38
C ARG A 489 -22.38 15.75 -2.62
N SER A 490 -23.18 15.31 -3.59
CA SER A 490 -22.67 14.98 -4.91
C SER A 490 -23.10 16.06 -5.88
N VAL A 491 -22.26 16.29 -6.89
CA VAL A 491 -22.56 17.23 -7.97
C VAL A 491 -23.09 16.46 -9.17
N GLU A 492 -24.20 16.92 -9.72
CA GLU A 492 -24.81 16.27 -10.88
C GLU A 492 -23.84 16.28 -12.05
N GLY A 493 -23.82 15.20 -12.81
CA GLY A 493 -23.04 15.15 -14.03
C GLY A 493 -21.60 14.71 -13.85
N PHE A 494 -21.22 14.28 -12.64
CA PHE A 494 -19.86 13.77 -12.41
C PHE A 494 -19.91 12.40 -11.78
N LEU A 495 -19.04 11.51 -12.26
CA LEU A 495 -18.71 10.28 -11.56
C LEU A 495 -18.19 10.54 -10.13
N PHE A 496 -18.35 9.56 -9.26
CA PHE A 496 -17.95 9.68 -7.86
C PHE A 496 -16.42 9.49 -7.74
N PRO A 497 -15.81 10.02 -6.64
CA PRO A 497 -14.36 9.98 -6.46
C PRO A 497 -13.77 8.57 -6.51
N THR A 498 -14.60 7.55 -6.31
CA THR A 498 -14.18 6.16 -6.42
C THR A 498 -13.62 5.85 -7.80
N ILE A 499 -14.39 6.09 -8.84
CA ILE A 499 -13.96 5.61 -10.16
C ILE A 499 -13.70 6.71 -11.17
N MET A 500 -13.98 7.96 -10.79
CA MET A 500 -13.89 9.08 -11.73
C MET A 500 -12.48 9.25 -12.29
N SER A 501 -12.38 9.78 -13.51
CA SER A 501 -11.08 9.98 -14.14
C SER A 501 -10.36 11.19 -13.58
N LYS A 502 -9.06 11.28 -13.85
CA LYS A 502 -8.25 12.41 -13.41
C LYS A 502 -8.75 13.71 -14.02
N THR A 503 -9.10 13.65 -15.30
CA THR A 503 -9.65 14.80 -15.99
C THR A 503 -10.98 15.25 -15.38
N ASP A 504 -11.80 14.29 -14.95
CA ASP A 504 -13.06 14.60 -14.27
C ASP A 504 -12.77 15.35 -12.99
N ARG A 505 -11.76 14.88 -12.26
CA ARG A 505 -11.42 15.45 -10.96
C ARG A 505 -11.05 16.90 -11.13
N ILE A 506 -10.19 17.17 -12.12
CA ILE A 506 -9.74 18.51 -12.40
C ILE A 506 -10.92 19.43 -12.69
N LYS A 507 -11.77 18.99 -13.62
CA LYS A 507 -12.96 19.74 -13.97
C LYS A 507 -13.94 19.92 -12.79
N LEU A 508 -14.13 18.89 -11.99
CA LEU A 508 -14.96 19.02 -10.80
C LEU A 508 -14.38 20.04 -9.80
N GLU A 509 -13.07 19.95 -9.58
CA GLU A 509 -12.42 20.86 -8.65
C GLU A 509 -12.56 22.30 -9.12
N GLN A 510 -12.56 22.51 -10.43
CA GLN A 510 -12.74 23.83 -11.00
C GLN A 510 -14.12 24.38 -10.66
N VAL A 511 -15.15 23.55 -10.81
CA VAL A 511 -16.52 23.96 -10.49
C VAL A 511 -16.61 24.32 -9.01
N ILE A 512 -16.15 23.41 -8.16
CA ILE A 512 -16.35 23.57 -6.73
C ILE A 512 -15.49 24.71 -6.14
N SER A 513 -14.20 24.73 -6.49
CA SER A 513 -13.30 25.70 -5.89
C SER A 513 -13.75 27.11 -6.29
N GLY A 514 -14.12 27.28 -7.55
CA GLY A 514 -14.70 28.52 -8.03
C GLY A 514 -15.80 29.03 -7.10
N ALA A 515 -16.72 28.13 -6.73
CA ALA A 515 -17.82 28.51 -5.83
C ALA A 515 -17.32 28.84 -4.41
N LEU A 516 -16.39 28.03 -3.92
CA LEU A 516 -15.81 28.23 -2.59
C LEU A 516 -15.04 29.55 -2.48
N LYS A 517 -14.31 29.89 -3.53
CA LYS A 517 -13.54 31.11 -3.53
C LYS A 517 -14.44 32.33 -3.45
N GLY A 518 -15.66 32.21 -3.98
CA GLY A 518 -16.60 33.31 -3.98
C GLY A 518 -17.50 33.44 -2.76
N LEU A 519 -17.38 32.50 -1.82
CA LEU A 519 -18.18 32.54 -0.59
C LEU A 519 -17.85 33.81 0.19
N THR A 520 -18.88 34.50 0.64
CA THR A 520 -18.71 35.80 1.30
C THR A 520 -19.11 35.72 2.76
N GLY A 521 -18.80 36.78 3.51
CA GLY A 521 -19.32 36.94 4.85
C GLY A 521 -18.72 35.94 5.79
N GLU A 522 -19.58 35.35 6.62
CA GLU A 522 -19.19 34.34 7.59
C GLU A 522 -18.49 33.14 6.95
N HIS A 523 -18.73 32.96 5.65
CA HIS A 523 -18.27 31.78 4.93
C HIS A 523 -17.04 32.06 4.10
N ALA A 524 -16.58 33.31 4.11
CA ALA A 524 -15.45 33.69 3.28
C ALA A 524 -14.23 33.03 3.83
N GLY A 525 -13.40 32.48 2.95
CA GLY A 525 -12.30 31.67 3.40
C GLY A 525 -11.26 31.51 2.32
N THR A 526 -10.46 30.47 2.45
CA THR A 526 -9.39 30.21 1.52
C THR A 526 -9.49 28.77 1.03
N TYR A 527 -9.31 28.58 -0.28
CA TYR A 527 -9.24 27.25 -0.83
C TYR A 527 -7.78 26.74 -0.93
N TYR A 528 -7.50 25.62 -0.29
CA TYR A 528 -6.18 24.98 -0.34
C TYR A 528 -6.17 23.70 -1.20
N PRO A 529 -5.79 23.80 -2.48
CA PRO A 529 -5.76 22.56 -3.25
C PRO A 529 -4.57 21.71 -2.84
N LEU A 530 -4.76 20.40 -2.71
CA LEU A 530 -3.69 19.51 -2.26
C LEU A 530 -2.52 19.42 -3.24
N THR A 531 -2.72 19.79 -4.51
CA THR A 531 -1.64 19.71 -5.51
C THR A 531 -0.71 20.90 -5.46
N ASP A 532 -1.26 22.09 -5.22
CA ASP A 532 -0.44 23.28 -5.10
C ASP A 532 -0.66 23.93 -3.75
N MET A 533 -0.19 23.25 -2.70
CA MET A 533 -0.26 23.83 -1.36
C MET A 533 1.05 24.52 -1.06
N LYS A 534 1.00 25.66 -0.37
CA LYS A 534 2.23 26.31 0.08
C LYS A 534 2.59 25.66 1.42
N GLU A 535 3.85 25.27 1.57
CA GLU A 535 4.36 24.52 2.74
C GLU A 535 3.78 24.85 4.12
N GLU A 536 3.74 26.14 4.44
CA GLU A 536 3.24 26.61 5.72
C GLU A 536 1.80 26.13 5.95
N ASP A 537 1.02 26.14 4.86
CA ASP A 537 -0.39 25.79 4.89
C ASP A 537 -0.59 24.32 5.26
N ARG A 538 0.22 23.43 4.67
CA ARG A 538 0.15 21.99 4.97
C ARG A 538 0.23 21.69 6.47
N LYS A 539 1.22 22.27 7.14
CA LYS A 539 1.45 21.96 8.55
C LYS A 539 0.32 22.49 9.42
N GLN A 540 -0.12 23.71 9.12
CA GLN A 540 -1.22 24.32 9.87
C GLN A 540 -2.50 23.50 9.75
N LEU A 541 -2.78 22.98 8.55
CA LEU A 541 -3.96 22.14 8.34
C LEU A 541 -3.92 20.85 9.15
N VAL A 542 -2.74 20.27 9.30
CA VAL A 542 -2.62 19.07 10.14
C VAL A 542 -2.81 19.42 11.62
N GLU A 543 -2.06 20.40 12.12
CA GLU A 543 -2.25 20.89 13.50
C GLU A 543 -3.72 21.23 13.80
N ASP A 544 -4.44 21.68 12.78
CA ASP A 544 -5.87 21.95 12.91
C ASP A 544 -6.71 20.67 12.81
N HIS A 545 -6.06 19.56 12.48
CA HIS A 545 -6.76 18.31 12.18
C HIS A 545 -7.79 18.54 11.09
N PHE A 546 -7.37 19.21 10.01
CA PHE A 546 -8.27 19.45 8.90
C PHE A 546 -7.89 18.60 7.70
N LEU A 547 -6.60 18.36 7.53
CA LEU A 547 -6.09 17.65 6.36
C LEU A 547 -6.62 16.22 6.27
N PHE A 548 -6.90 15.75 5.06
CA PHE A 548 -7.14 14.32 4.87
C PHE A 548 -6.01 13.72 4.04
N LYS A 549 -5.72 12.45 4.31
CA LYS A 549 -4.60 11.74 3.72
C LYS A 549 -5.10 10.51 2.96
N ASN A 550 -4.26 9.97 2.08
CA ASN A 550 -4.61 8.78 1.34
C ASN A 550 -4.24 7.51 2.11
N ASP A 551 -4.87 7.32 3.28
CA ASP A 551 -4.43 6.29 4.23
C ASP A 551 -5.53 5.35 4.75
N ASP A 552 -6.76 5.52 4.29
CA ASP A 552 -7.78 4.54 4.65
C ASP A 552 -7.88 3.43 3.56
N PRO A 553 -7.54 2.19 3.92
CA PRO A 553 -7.52 1.08 2.96
C PRO A 553 -8.89 0.79 2.30
N VAL A 554 -9.96 1.05 3.03
CA VAL A 554 -11.31 0.87 2.51
C VAL A 554 -11.59 1.84 1.35
N LEU A 555 -11.34 3.12 1.58
CA LEU A 555 -11.55 4.11 0.53
C LEU A 555 -10.51 3.93 -0.58
N ARG A 556 -9.27 3.57 -0.19
CA ARG A 556 -8.25 3.27 -1.18
C ARG A 556 -8.70 2.19 -2.14
N ASP A 557 -9.24 1.10 -1.61
CA ASP A 557 -9.54 -0.05 -2.47
C ASP A 557 -10.80 0.17 -3.29
N ALA A 558 -11.54 1.22 -2.94
CA ALA A 558 -12.71 1.66 -3.69
C ALA A 558 -12.30 2.54 -4.85
N GLY A 559 -11.04 2.94 -4.88
CA GLY A 559 -10.51 3.81 -5.92
C GLY A 559 -10.35 5.25 -5.49
N GLY A 560 -10.70 5.55 -4.24
CA GLY A 560 -10.78 6.92 -3.76
C GLY A 560 -9.49 7.73 -3.75
N TYR A 561 -8.36 7.06 -3.88
CA TYR A 561 -7.08 7.75 -3.86
C TYR A 561 -6.37 7.69 -5.20
N ARG A 562 -7.10 7.37 -6.25
CA ARG A 562 -6.45 7.30 -7.57
C ARG A 562 -6.01 8.69 -8.03
N ASP A 563 -4.95 8.73 -8.84
CA ASP A 563 -4.34 9.97 -9.32
C ASP A 563 -4.12 11.02 -8.20
N TRP A 564 -3.62 10.55 -7.07
CA TRP A 564 -3.40 11.38 -5.90
C TRP A 564 -2.39 12.49 -6.17
N PRO A 565 -2.66 13.73 -5.71
CA PRO A 565 -3.85 14.22 -5.01
C PRO A 565 -4.64 15.19 -5.89
N VAL A 566 -4.69 14.88 -7.18
CA VAL A 566 -5.29 15.79 -8.15
C VAL A 566 -6.78 16.02 -7.82
N GLY A 567 -7.20 17.28 -7.80
CA GLY A 567 -8.61 17.58 -7.64
C GLY A 567 -9.07 17.62 -6.20
N ARG A 568 -8.21 17.20 -5.28
CA ARG A 568 -8.55 17.21 -3.85
C ARG A 568 -8.14 18.55 -3.23
N GLY A 569 -8.89 18.99 -2.23
CA GLY A 569 -8.63 20.27 -1.62
C GLY A 569 -9.40 20.47 -0.34
N ILE A 570 -8.99 21.50 0.39
CA ILE A 570 -9.63 21.86 1.65
C ILE A 570 -9.98 23.33 1.60
N PHE A 571 -11.20 23.64 2.04
CA PHE A 571 -11.59 25.03 2.19
C PHE A 571 -12.00 25.25 3.64
N HIS A 572 -11.62 26.38 4.21
CA HIS A 572 -12.22 26.78 5.47
C HIS A 572 -12.32 28.29 5.51
N ASN A 573 -13.32 28.78 6.23
CA ASN A 573 -13.41 30.21 6.38
C ASN A 573 -12.29 30.66 7.33
N ASN A 574 -12.14 31.96 7.46
CA ASN A 574 -11.07 32.53 8.26
C ASN A 574 -11.13 32.08 9.72
N SER A 575 -12.34 31.95 10.27
CA SER A 575 -12.54 31.51 11.66
C SER A 575 -12.34 30.02 11.96
N LYS A 576 -12.20 29.24 10.90
CA LYS A 576 -12.13 27.79 10.99
C LYS A 576 -13.40 27.23 11.67
N THR A 577 -14.54 27.82 11.33
CA THR A 577 -15.79 27.32 11.84
C THR A 577 -16.68 26.79 10.71
N PHE A 578 -16.18 26.85 9.48
CA PHE A 578 -16.89 26.32 8.31
C PHE A 578 -15.85 25.74 7.38
N LEU A 579 -15.99 24.45 7.07
CA LEU A 579 -14.98 23.68 6.37
C LEU A 579 -15.57 22.84 5.23
N VAL A 580 -14.87 22.77 4.11
CA VAL A 580 -15.31 21.90 3.03
C VAL A 580 -14.15 21.00 2.56
N TRP A 581 -14.39 19.70 2.57
CA TRP A 581 -13.45 18.74 1.99
C TRP A 581 -13.87 18.50 0.57
N VAL A 582 -12.97 18.75 -0.39
CA VAL A 582 -13.30 18.57 -1.79
C VAL A 582 -12.72 17.26 -2.34
N CYS A 583 -13.64 16.37 -2.71
CA CYS A 583 -13.35 15.15 -3.46
C CYS A 583 -12.56 14.13 -2.64
N GLU A 584 -12.95 13.93 -1.39
CA GLU A 584 -12.40 12.83 -0.60
C GLU A 584 -13.15 11.52 -0.85
N GLU A 585 -14.30 11.33 -0.20
CA GLU A 585 -15.14 10.17 -0.50
C GLU A 585 -16.32 10.61 -1.35
N ASP A 586 -16.98 11.67 -0.91
CA ASP A 586 -18.00 12.29 -1.74
C ASP A 586 -17.36 13.47 -2.47
N HIS A 587 -18.06 14.03 -3.46
CA HIS A 587 -17.61 15.27 -4.11
C HIS A 587 -17.34 16.38 -3.09
N MET A 588 -18.25 16.55 -2.14
CA MET A 588 -18.02 17.48 -1.02
C MET A 588 -18.48 16.91 0.31
N ARG A 589 -17.72 17.21 1.35
CA ARG A 589 -18.21 17.11 2.71
C ARG A 589 -18.22 18.55 3.21
N ILE A 590 -19.39 19.00 3.65
CA ILE A 590 -19.57 20.39 4.05
C ILE A 590 -19.82 20.42 5.56
N ILE A 591 -19.00 21.17 6.28
CA ILE A 591 -18.92 21.02 7.73
C ILE A 591 -19.02 22.37 8.42
N SER A 592 -19.86 22.44 9.45
CA SER A 592 -19.88 23.61 10.32
C SER A 592 -19.53 23.15 11.72
N MET A 593 -18.69 23.90 12.42
CA MET A 593 -18.24 23.53 13.77
C MET A 593 -17.86 24.76 14.58
N GLN A 594 -17.82 24.61 15.90
CA GLN A 594 -17.23 25.60 16.80
C GLN A 594 -17.09 25.06 18.22
N GLN A 595 -16.27 25.74 19.01
CA GLN A 595 -16.19 25.47 20.44
C GLN A 595 -17.54 25.71 21.09
N GLY A 596 -17.86 24.94 22.12
CA GLY A 596 -19.08 25.17 22.86
C GLY A 596 -20.23 24.39 22.28
N GLY A 597 -21.43 24.68 22.78
CA GLY A 597 -22.59 23.85 22.49
C GLY A 597 -23.74 24.55 21.79
N ASN A 598 -23.43 25.65 21.08
CA ASN A 598 -24.47 26.35 20.33
C ASN A 598 -24.80 25.66 19.01
N LEU A 599 -25.65 24.64 19.05
CA LEU A 599 -25.98 23.90 17.84
C LEU A 599 -26.68 24.81 16.82
N ALA A 600 -27.48 25.75 17.29
CA ALA A 600 -28.30 26.57 16.42
C ALA A 600 -27.44 27.40 15.46
N ALA A 601 -26.36 27.99 15.99
CA ALA A 601 -25.45 28.80 15.20
C ALA A 601 -24.62 27.93 14.24
N VAL A 602 -24.19 26.76 14.71
CA VAL A 602 -23.49 25.78 13.86
C VAL A 602 -24.35 25.32 12.66
N TYR A 603 -25.56 24.89 12.96
CA TYR A 603 -26.53 24.45 11.96
C TYR A 603 -26.94 25.57 11.00
N LYS A 604 -27.20 26.75 11.54
CA LYS A 604 -27.51 27.92 10.71
C LYS A 604 -26.38 28.21 9.73
N ARG A 605 -25.16 28.33 10.24
CA ARG A 605 -23.98 28.55 9.40
C ARG A 605 -23.85 27.46 8.32
N LEU A 606 -24.02 26.20 8.71
CA LEU A 606 -24.00 25.10 7.73
C LEU A 606 -25.02 25.26 6.60
N ILE A 607 -26.29 25.42 6.96
CA ILE A 607 -27.34 25.50 5.96
C ILE A 607 -27.09 26.64 5.00
N GLU A 608 -26.75 27.80 5.54
CA GLU A 608 -26.46 28.95 4.70
C GLU A 608 -25.32 28.62 3.75
N GLY A 609 -24.34 27.86 4.23
CA GLY A 609 -23.19 27.48 3.43
C GLY A 609 -23.56 26.56 2.28
N ILE A 610 -24.34 25.54 2.59
CA ILE A 610 -24.83 24.57 1.59
C ILE A 610 -25.56 25.29 0.47
N ASN A 611 -26.48 26.16 0.87
CA ASN A 611 -27.26 26.98 -0.05
C ASN A 611 -26.39 27.85 -0.94
N ALA A 612 -25.39 28.50 -0.36
CA ALA A 612 -24.50 29.39 -1.13
C ALA A 612 -23.66 28.59 -2.12
N ILE A 613 -23.19 27.43 -1.70
CA ILE A 613 -22.51 26.54 -2.65
C ILE A 613 -23.49 26.09 -3.74
N GLY A 614 -24.70 25.68 -3.34
CA GLY A 614 -25.71 25.26 -4.29
C GLY A 614 -26.12 26.25 -5.39
N LYS A 615 -25.80 27.53 -5.22
CA LYS A 615 -26.02 28.53 -6.28
C LYS A 615 -25.27 28.20 -7.55
N SER A 616 -24.10 27.60 -7.40
CA SER A 616 -23.21 27.35 -8.55
C SER A 616 -23.26 25.94 -9.15
N MET A 617 -24.08 25.05 -8.60
CA MET A 617 -24.10 23.65 -9.09
C MET A 617 -25.30 22.92 -8.56
N LYS A 618 -25.69 21.84 -9.23
CA LYS A 618 -26.84 21.05 -8.80
C LYS A 618 -26.34 19.86 -7.99
N PHE A 619 -27.01 19.59 -6.89
CA PHE A 619 -26.70 18.46 -6.05
C PHE A 619 -27.45 17.22 -6.56
N ALA A 620 -26.79 16.07 -6.58
CA ALA A 620 -27.46 14.85 -6.98
C ALA A 620 -28.50 14.50 -5.92
N HIS A 621 -29.73 14.29 -6.34
CA HIS A 621 -30.85 14.10 -5.44
C HIS A 621 -31.81 13.09 -6.10
N SER A 622 -32.46 12.29 -5.27
CA SER A 622 -33.28 11.19 -5.76
C SER A 622 -34.64 11.15 -5.06
N ASP A 623 -35.69 10.83 -5.80
CA ASP A 623 -37.04 10.63 -5.24
C ASP A 623 -37.08 9.48 -4.26
N LYS A 624 -36.31 8.47 -4.56
CA LYS A 624 -36.26 7.31 -3.68
C LYS A 624 -35.45 7.61 -2.42
N TYR A 625 -34.30 8.27 -2.58
CA TYR A 625 -33.30 8.28 -1.51
C TYR A 625 -32.84 9.64 -0.97
N GLY A 626 -33.45 10.73 -1.44
CA GLY A 626 -33.00 12.06 -1.06
C GLY A 626 -31.63 12.37 -1.67
N TYR A 627 -30.77 13.03 -0.91
CA TYR A 627 -29.45 13.36 -1.44
C TYR A 627 -28.62 12.10 -1.68
N ILE A 628 -28.01 12.05 -2.85
CA ILE A 628 -27.25 10.90 -3.29
C ILE A 628 -25.77 11.07 -2.96
N THR A 629 -25.19 10.03 -2.36
CA THR A 629 -23.78 10.00 -2.00
C THR A 629 -23.14 8.70 -2.46
N CYS A 630 -21.81 8.67 -2.42
CA CYS A 630 -21.03 7.49 -2.81
C CYS A 630 -21.39 6.25 -1.99
N CYS A 631 -21.39 6.39 -0.67
CA CYS A 631 -21.77 5.29 0.21
C CYS A 631 -23.27 5.35 0.53
N PRO A 632 -23.97 4.21 0.39
CA PRO A 632 -25.41 4.12 0.70
C PRO A 632 -25.76 4.48 2.16
N SER A 633 -24.78 4.46 3.06
CA SER A 633 -25.00 4.81 4.47
C SER A 633 -25.30 6.28 4.68
N ASN A 634 -24.97 7.12 3.70
CA ASN A 634 -25.14 8.55 3.92
C ASN A 634 -26.12 9.20 2.96
N LEU A 635 -27.17 8.46 2.63
CA LEU A 635 -28.23 8.96 1.80
C LEU A 635 -29.17 9.82 2.61
N GLY A 636 -30.21 10.32 1.98
CA GLY A 636 -31.28 10.99 2.69
C GLY A 636 -30.92 12.44 2.92
N THR A 637 -30.71 12.78 4.19
CA THR A 637 -30.20 14.08 4.57
C THR A 637 -28.72 14.16 4.31
N SER A 638 -28.09 12.99 4.28
CA SER A 638 -26.64 12.89 4.38
C SER A 638 -26.07 13.76 5.52
N MET A 639 -26.81 13.89 6.61
CA MET A 639 -26.44 14.83 7.67
C MET A 639 -26.04 14.16 8.98
N ARG A 640 -24.93 14.61 9.52
CA ARG A 640 -24.48 14.13 10.82
C ARG A 640 -24.28 15.34 11.73
N ALA A 641 -25.13 15.45 12.74
CA ALA A 641 -24.96 16.47 13.78
C ALA A 641 -24.32 15.82 14.99
N SER A 642 -23.29 16.44 15.54
CA SER A 642 -22.56 15.81 16.62
C SER A 642 -22.07 16.76 17.70
N VAL A 643 -21.84 16.23 18.90
CA VAL A 643 -21.24 17.04 19.97
C VAL A 643 -20.07 16.32 20.62
N LEU A 644 -19.06 17.08 21.03
CA LEU A 644 -18.02 16.53 21.87
C LEU A 644 -18.43 16.77 23.32
N LEU A 645 -18.83 15.68 23.97
CA LEU A 645 -19.55 15.75 25.24
C LEU A 645 -18.76 15.19 26.42
N LYS A 646 -18.70 15.97 27.51
CA LYS A 646 -18.13 15.53 28.79
C LYS A 646 -19.20 14.97 29.71
N ILE A 647 -19.26 13.64 29.80
CA ILE A 647 -20.17 12.97 30.72
C ILE A 647 -19.49 11.82 31.48
N PRO A 648 -18.45 12.14 32.27
CA PRO A 648 -17.65 11.17 33.04
C PRO A 648 -18.55 10.43 33.98
N LYS A 649 -19.56 11.19 34.33
CA LYS A 649 -20.59 10.92 35.30
C LYS A 649 -21.46 9.70 35.04
N LEU A 650 -22.03 9.70 33.85
CA LEU A 650 -22.98 8.72 33.39
C LEU A 650 -22.31 7.75 32.41
N SER A 651 -21.14 8.13 31.90
CA SER A 651 -20.25 7.18 31.24
C SER A 651 -19.93 6.02 32.18
N SER A 652 -19.87 6.32 33.48
CA SER A 652 -19.71 5.31 34.52
C SER A 652 -21.01 4.53 34.71
N GLN A 653 -22.06 4.94 34.02
CA GLN A 653 -23.22 4.08 33.85
C GLN A 653 -23.23 3.66 32.36
N PRO A 654 -22.60 2.53 32.04
CA PRO A 654 -22.46 2.31 30.59
C PRO A 654 -23.68 1.72 29.88
N LYS A 655 -24.88 1.77 30.44
CA LYS A 655 -26.02 1.10 29.81
C LYS A 655 -27.39 1.74 30.00
N LYS A 656 -27.42 2.92 30.62
CA LYS A 656 -28.58 3.80 30.51
C LYS A 656 -28.16 4.85 29.49
N LEU A 657 -26.85 5.02 29.35
CA LEU A 657 -26.31 5.75 28.20
C LEU A 657 -26.74 5.16 26.87
N ASP A 658 -26.44 3.89 26.69
CA ASP A 658 -26.82 3.18 25.49
C ASP A 658 -28.34 3.16 25.37
N GLU A 659 -29.01 3.20 26.51
CA GLU A 659 -30.46 3.29 26.51
C GLU A 659 -30.91 4.73 26.24
N ILE A 660 -30.17 5.75 26.68
CA ILE A 660 -30.48 7.11 26.25
C ILE A 660 -30.23 7.20 24.73
N CYS A 661 -29.23 6.45 24.27
CA CYS A 661 -28.84 6.47 22.88
C CYS A 661 -29.89 5.82 21.98
N ALA A 662 -30.21 4.56 22.25
CA ALA A 662 -31.18 3.83 21.44
C ALA A 662 -32.53 4.54 21.48
N LYS A 663 -32.85 5.09 22.64
CA LYS A 663 -34.11 5.78 22.85
C LYS A 663 -34.20 7.04 22.02
N TYR A 664 -33.07 7.73 21.84
CA TYR A 664 -33.09 8.94 21.00
C TYR A 664 -32.29 8.78 19.73
N MET A 665 -32.02 7.53 19.38
CA MET A 665 -31.41 7.18 18.10
C MET A 665 -30.12 7.96 17.90
N LEU A 666 -29.22 7.82 18.87
CA LEU A 666 -27.92 8.46 18.81
C LEU A 666 -26.84 7.40 18.75
N GLN A 667 -25.65 7.79 18.30
CA GLN A 667 -24.49 6.94 18.35
C GLN A 667 -23.48 7.56 19.30
N ALA A 668 -22.70 6.73 19.97
CA ALA A 668 -21.71 7.20 20.92
C ALA A 668 -20.35 6.53 20.66
N ARG A 669 -19.27 7.30 20.77
CA ARG A 669 -17.94 6.75 20.64
C ARG A 669 -16.96 7.56 21.51
N GLY A 670 -15.93 6.90 22.03
CA GLY A 670 -15.00 7.55 22.94
C GLY A 670 -13.55 7.44 22.50
N GLY A 681 -14.34 10.25 30.18
CA GLY A 681 -15.78 10.46 30.09
C GLY A 681 -16.19 11.39 28.96
N THR A 682 -15.34 11.48 27.94
CA THR A 682 -15.58 12.31 26.77
C THR A 682 -16.09 11.46 25.61
N TYR A 683 -17.26 11.84 25.08
CA TYR A 683 -17.89 11.07 24.03
C TYR A 683 -18.28 11.93 22.84
N ASP A 684 -18.10 11.36 21.65
CA ASP A 684 -18.63 11.97 20.45
C ASP A 684 -20.04 11.43 20.23
N ILE A 685 -21.03 12.29 20.45
CA ILE A 685 -22.43 11.89 20.31
C ILE A 685 -23.00 12.47 19.03
N SER A 686 -23.76 11.67 18.29
CA SER A 686 -24.35 12.13 17.04
C SER A 686 -25.66 11.42 16.76
N ASN A 687 -26.48 12.04 15.90
CA ASN A 687 -27.68 11.36 15.44
C ASN A 687 -27.28 10.16 14.59
N LYS A 688 -28.10 9.12 14.64
CA LYS A 688 -27.81 7.91 13.88
C LYS A 688 -28.55 7.93 12.53
N ARG A 689 -29.77 8.45 12.52
CA ARG A 689 -30.58 8.43 11.31
C ARG A 689 -30.07 9.43 10.28
N ARG A 690 -30.27 9.08 9.00
CA ARG A 690 -29.84 9.88 7.87
C ARG A 690 -30.99 9.94 6.87
N LEU A 691 -31.66 8.81 6.77
CA LEU A 691 -32.72 8.63 5.78
C LEU A 691 -34.02 8.32 6.50
N GLY A 692 -35.12 8.93 6.05
CA GLY A 692 -36.40 8.66 6.65
C GLY A 692 -36.86 9.79 7.54
N LEU A 693 -36.18 10.92 7.47
CA LEU A 693 -36.45 12.05 8.33
C LEU A 693 -35.89 13.31 7.69
N THR A 694 -36.31 14.49 8.16
CA THR A 694 -35.82 15.76 7.64
C THR A 694 -34.52 16.17 8.30
N GLU A 695 -33.79 17.06 7.64
CA GLU A 695 -32.57 17.66 8.20
C GLU A 695 -32.86 18.30 9.56
N LEU A 696 -33.90 19.12 9.59
CA LEU A 696 -34.34 19.76 10.81
C LEU A 696 -34.55 18.74 11.93
N GLN A 697 -35.20 17.63 11.61
CA GLN A 697 -35.44 16.60 12.62
C GLN A 697 -34.12 15.95 13.04
N ALA A 698 -33.25 15.65 12.08
CA ALA A 698 -31.98 15.01 12.44
C ALA A 698 -31.20 15.84 13.47
N ALA A 699 -31.09 17.14 13.21
CA ALA A 699 -30.41 18.05 14.13
C ALA A 699 -31.13 18.11 15.48
N HIS A 700 -32.46 18.06 15.42
CA HIS A 700 -33.30 18.20 16.59
C HIS A 700 -33.33 16.93 17.44
N GLU A 701 -33.17 15.78 16.80
CA GLU A 701 -33.05 14.52 17.54
C GLU A 701 -31.76 14.49 18.35
N MET A 702 -30.66 14.88 17.72
CA MET A 702 -29.41 14.96 18.45
C MET A 702 -29.51 15.99 19.58
N ALA A 703 -30.19 17.10 19.33
CA ALA A 703 -30.26 18.19 20.30
C ALA A 703 -31.05 17.80 21.55
N GLU A 704 -32.10 17.01 21.37
CA GLU A 704 -32.87 16.56 22.52
C GLU A 704 -32.19 15.41 23.25
N GLY A 705 -31.67 14.43 22.51
CA GLY A 705 -30.92 13.34 23.11
C GLY A 705 -29.75 13.82 23.96
N VAL A 706 -29.13 14.90 23.55
CA VAL A 706 -27.97 15.42 24.25
C VAL A 706 -28.38 16.28 25.44
N ALA A 707 -29.41 17.10 25.26
CA ALA A 707 -29.89 17.97 26.33
C ALA A 707 -30.46 17.16 27.48
N LYS A 708 -30.87 15.93 27.18
CA LYS A 708 -31.35 15.04 28.21
C LYS A 708 -30.23 14.31 28.91
N MET A 709 -29.24 13.85 28.15
CA MET A 709 -28.03 13.38 28.79
C MET A 709 -27.59 14.41 29.82
N ILE A 710 -27.55 15.68 29.41
CA ILE A 710 -26.99 16.76 30.22
C ILE A 710 -27.74 17.06 31.53
N GLU A 711 -29.07 16.93 31.59
CA GLU A 711 -29.78 17.18 32.86
C GLU A 711 -29.78 15.92 33.71
N ILE A 712 -29.68 14.76 33.05
CA ILE A 712 -29.32 13.57 33.81
C ILE A 712 -27.95 13.77 34.47
N GLU A 713 -27.03 14.46 33.77
CA GLU A 713 -25.64 14.66 34.25
C GLU A 713 -25.44 15.65 35.38
N LYS A 714 -26.39 15.83 36.27
CA LYS A 714 -26.00 16.41 37.54
C LYS A 714 -26.83 15.75 38.59
N GLY A 715 -27.94 15.17 38.18
CA GLY A 715 -28.65 14.24 39.04
C GLY A 715 -27.88 12.94 39.15
N LEU A 716 -26.70 13.04 39.75
CA LEU A 716 -25.74 11.96 39.79
C LEU A 716 -26.01 11.09 41.01
#